data_4KYS
#
_entry.id   4KYS
#
_cell.length_a   63.504
_cell.length_b   36.306
_cell.length_c   156.813
_cell.angle_alpha   90.00
_cell.angle_beta   91.44
_cell.angle_gamma   90.00
#
_symmetry.space_group_name_H-M   'P 1 21 1'
#
loop_
_entity.id
_entity.type
_entity.pdbx_description
1 polymer 'Thiamine pyridinylase I'
2 non-polymer 3-(4-AMINO-2-METHYL-PYRIMIDIN-5-YLMETHYL)-5-(2-HYDROXY-ETHYL)-4-METHYL-THIAZOL-3-IUM
3 non-polymer 'CITRIC ACID'
4 non-polymer 'MAGNESIUM ION'
5 water water
#
_entity_poly.entity_id   1
_entity_poly.type   'polypeptide(L)'
_entity_poly.pdbx_seq_one_letter_code
;MGSDKIHHHHHHSSGENLYFQGHMKLKNLFKRSLSLLFSFIMIFTLVSGLNVKAFSGDEPKQTLNVALYEYVPDPIRFKK
AVETEWNKKEPNIKLNFVDWDCYSEDPPKDLDVFVFDAVYLSHFVKEGYLSEIPEKDIKNKEDILPFAMEGCTIKGSAYA
IPQIISTNLLFSRKGDYDIQKVNSVYDLYDKLGKFTSEDIILPNNKGLLIDMSGGTSKACMYLDSLIDTTQEYTKFCSLP
NLNELNKDAIESLVLLQSMAGKSQANYWPENNDSYIRAKWFINGKGRAYIGYTEAMSQMKEFANDIDFKTISLSKNSNIP
IFYGDVVGINSSITNSYKKEKAIELANIITDKNTMVKAVSPDENNKYPQYLLPARRSVYHNLGNKYPIYGKLYKIADNSN
NKLFRTGPEIREWLKQAKKIITEYLQQ
;
_entity_poly.pdbx_strand_id   A,B
#
loop_
_chem_comp.id
_chem_comp.type
_chem_comp.name
_chem_comp.formula
CIT non-polymer 'CITRIC ACID' 'C6 H8 O7'
MG non-polymer 'MAGNESIUM ION' 'Mg 2'
VIB non-polymer 3-(4-AMINO-2-METHYL-PYRIMIDIN-5-YLMETHYL)-5-(2-HYDROXY-ETHYL)-4-METHYL-THIAZOL-3-IUM 'C12 H17 N4 O S 1'
#
# COMPACT_ATOMS: atom_id res chain seq x y z
N GLN A 62 16.94 29.30 29.41
CA GLN A 62 15.96 28.33 28.92
C GLN A 62 15.89 28.36 27.39
N THR A 63 15.98 27.18 26.78
CA THR A 63 16.24 27.07 25.35
C THR A 63 15.58 25.85 24.68
N LEU A 64 15.20 26.02 23.41
CA LEU A 64 14.81 24.90 22.56
C LEU A 64 15.68 24.88 21.30
N ASN A 65 16.16 23.70 20.96
CA ASN A 65 16.91 23.48 19.70
C ASN A 65 15.94 23.06 18.60
N VAL A 66 15.93 23.83 17.52
CA VAL A 66 14.91 23.63 16.48
C VAL A 66 15.54 23.74 15.11
N ALA A 67 15.15 22.84 14.21
CA ALA A 67 15.60 22.91 12.82
C ALA A 67 14.41 23.16 11.92
N LEU A 68 14.47 24.20 11.10
CA LEU A 68 13.44 24.43 10.08
C LEU A 68 13.86 23.74 8.78
N TYR A 69 12.93 23.61 7.85
CA TYR A 69 13.25 23.01 6.56
C TYR A 69 13.85 24.08 5.65
N GLU A 70 15.11 23.94 5.31
CA GLU A 70 15.81 25.05 4.70
C GLU A 70 15.85 25.02 3.17
N TYR A 71 15.32 23.97 2.56
CA TYR A 71 15.31 23.94 1.09
C TYR A 71 14.06 24.61 0.58
N VAL A 72 14.01 25.92 0.78
CA VAL A 72 12.88 26.74 0.35
C VAL A 72 13.54 28.00 -0.20
N PRO A 73 12.82 28.78 -1.03
CA PRO A 73 13.42 30.00 -1.60
C PRO A 73 14.01 30.94 -0.56
N ASP A 74 13.39 31.06 0.61
CA ASP A 74 13.92 32.01 1.58
C ASP A 74 13.70 31.50 3.00
N PRO A 75 14.70 30.77 3.52
CA PRO A 75 14.56 30.22 4.89
C PRO A 75 14.62 31.31 5.93
N ILE A 76 15.15 32.48 5.57
CA ILE A 76 15.23 33.56 6.54
C ILE A 76 13.83 34.06 6.87
N ARG A 77 12.98 34.17 5.85
CA ARG A 77 11.61 34.59 6.09
C ARG A 77 10.90 33.62 7.04
N PHE A 78 11.21 32.33 6.94
CA PHE A 78 10.63 31.36 7.87
C PHE A 78 11.14 31.59 9.29
N LYS A 79 12.44 31.80 9.43
CA LYS A 79 13.05 31.98 10.73
C LYS A 79 12.44 33.18 11.47
N LYS A 80 12.36 34.32 10.77
CA LYS A 80 11.77 35.52 11.33
C LYS A 80 10.31 35.33 11.71
N ALA A 81 9.55 34.66 10.84
CA ALA A 81 8.13 34.40 11.15
C ALA A 81 7.97 33.57 12.41
N VAL A 82 8.80 32.53 12.53
CA VAL A 82 8.73 31.65 13.69
C VAL A 82 9.16 32.40 14.97
N GLU A 83 10.30 33.07 14.89
CA GLU A 83 10.81 33.87 16.00
C GLU A 83 9.79 34.89 16.49
N THR A 84 9.15 35.57 15.56
CA THR A 84 8.17 36.59 15.87
C THR A 84 6.97 36.00 16.60
N GLU A 85 6.39 34.94 16.03
CA GLU A 85 5.21 34.33 16.63
C GLU A 85 5.55 33.64 17.95
N TRP A 86 6.71 33.00 18.02
CA TRP A 86 7.12 32.35 19.26
C TRP A 86 7.35 33.32 20.40
N ASN A 87 8.08 34.40 20.12
CA ASN A 87 8.40 35.43 21.11
C ASN A 87 7.14 36.06 21.72
N LYS A 88 6.07 36.14 20.94
CA LYS A 88 4.84 36.72 21.43
C LYS A 88 4.25 35.81 22.51
N LYS A 89 4.53 34.52 22.40
CA LYS A 89 3.96 33.56 23.33
C LYS A 89 4.96 33.14 24.39
N GLU A 90 6.23 33.07 24.05
CA GLU A 90 7.21 32.56 25.01
C GLU A 90 8.45 33.42 25.06
N PRO A 91 8.22 34.65 25.55
CA PRO A 91 9.23 35.69 25.53
C PRO A 91 10.42 35.23 26.33
N ASN A 92 10.27 34.21 27.17
CA ASN A 92 11.38 33.79 28.03
C ASN A 92 12.00 32.44 27.64
N ILE A 93 11.70 31.97 26.45
CA ILE A 93 12.36 30.74 25.98
C ILE A 93 13.10 31.04 24.64
N LYS A 94 14.45 30.88 24.59
CA LYS A 94 15.21 31.21 23.39
C LYS A 94 15.14 30.06 22.39
N LEU A 95 14.96 30.40 21.12
CA LEU A 95 15.04 29.41 20.06
C LEU A 95 16.49 29.33 19.58
N ASN A 96 17.04 28.13 19.60
CA ASN A 96 18.35 27.88 19.01
C ASN A 96 18.18 27.23 17.65
N PHE A 97 18.31 28.02 16.58
CA PHE A 97 18.10 27.50 15.22
C PHE A 97 19.33 26.77 14.68
N VAL A 98 19.15 25.47 14.46
CA VAL A 98 20.18 24.57 13.96
C VAL A 98 19.99 24.37 12.45
N ASP A 99 21.10 24.26 11.72
CA ASP A 99 21.04 23.80 10.34
C ASP A 99 21.25 22.30 10.42
N TRP A 100 20.16 21.56 10.30
CA TRP A 100 20.18 20.11 10.35
C TRP A 100 19.57 19.66 9.05
N ASP A 101 20.10 18.59 8.50
CA ASP A 101 19.68 18.15 7.19
C ASP A 101 19.18 16.71 7.23
N CYS A 102 17.86 16.54 7.14
CA CYS A 102 17.27 15.21 7.23
C CYS A 102 17.79 14.30 6.12
N TYR A 103 18.17 14.87 4.97
CA TYR A 103 18.61 14.05 3.85
C TYR A 103 19.99 13.44 4.14
N SER A 104 20.71 14.05 5.08
CA SER A 104 22.04 13.61 5.41
C SER A 104 22.10 12.73 6.64
N GLU A 105 21.30 13.02 7.66
CA GLU A 105 21.42 12.26 8.90
C GLU A 105 20.16 12.32 9.77
N ASP A 106 20.07 11.36 10.68
CA ASP A 106 18.99 11.31 11.64
C ASP A 106 19.08 12.47 12.65
N PRO A 107 17.93 12.82 13.27
CA PRO A 107 17.99 13.92 14.24
C PRO A 107 18.80 13.54 15.49
N PRO A 108 19.68 14.44 15.93
CA PRO A 108 20.44 14.28 17.19
C PRO A 108 19.49 14.23 18.38
N LYS A 109 19.91 13.63 19.49
CA LYS A 109 19.07 13.54 20.68
C LYS A 109 18.72 14.92 21.27
N ASP A 110 19.53 15.94 20.97
CA ASP A 110 19.29 17.26 21.52
C ASP A 110 18.54 18.19 20.57
N LEU A 111 18.03 17.66 19.46
CA LEU A 111 17.24 18.48 18.56
C LEU A 111 15.78 18.31 18.96
N ASP A 112 15.24 19.33 19.62
CA ASP A 112 13.95 19.21 20.29
C ASP A 112 12.78 19.19 19.34
N VAL A 113 12.79 20.11 18.39
CA VAL A 113 11.71 20.25 17.41
C VAL A 113 12.30 20.43 16.03
N PHE A 114 11.85 19.68 15.04
CA PHE A 114 12.51 19.73 13.74
C PHE A 114 11.56 19.38 12.61
N VAL A 115 11.77 20.05 11.48
CA VAL A 115 10.99 19.88 10.25
C VAL A 115 11.75 18.99 9.30
N PHE A 116 11.12 17.92 8.82
CA PHE A 116 11.80 16.96 7.96
C PHE A 116 10.88 16.52 6.83
N ASP A 117 11.50 15.97 5.78
CA ASP A 117 10.78 15.39 4.65
C ASP A 117 10.14 14.08 5.09
N ALA A 118 8.84 13.94 4.81
CA ALA A 118 8.06 12.80 5.28
C ALA A 118 8.53 11.50 4.66
N VAL A 119 9.40 11.56 3.66
CA VAL A 119 9.96 10.32 3.16
C VAL A 119 10.68 9.56 4.30
N TYR A 120 11.17 10.30 5.31
CA TYR A 120 11.88 9.70 6.44
C TYR A 120 11.01 9.34 7.63
N LEU A 121 9.72 9.63 7.53
CA LEU A 121 8.81 9.44 8.64
C LEU A 121 8.81 8.00 9.19
N SER A 122 8.62 7.03 8.30
CA SER A 122 8.62 5.64 8.69
C SER A 122 9.93 5.27 9.40
N HIS A 123 11.05 5.75 8.87
CA HIS A 123 12.34 5.50 9.49
C HIS A 123 12.41 6.12 10.89
N PHE A 124 11.96 7.37 11.01
CA PHE A 124 12.05 8.07 12.28
C PHE A 124 11.17 7.44 13.36
N VAL A 125 9.99 6.98 12.95
CA VAL A 125 9.07 6.33 13.87
C VAL A 125 9.58 4.95 14.26
N LYS A 126 10.08 4.20 13.27
CA LYS A 126 10.62 2.87 13.49
C LYS A 126 11.76 2.89 14.51
N GLU A 127 12.66 3.86 14.37
CA GLU A 127 13.76 4.06 15.31
C GLU A 127 13.29 4.67 16.64
N GLY A 128 12.04 5.12 16.67
CA GLY A 128 11.50 5.71 17.88
C GLY A 128 12.05 7.10 18.18
N TYR A 129 12.31 7.90 17.15
CA TYR A 129 12.81 9.27 17.36
C TYR A 129 11.70 10.26 17.69
N LEU A 130 10.46 9.92 17.35
CA LEU A 130 9.39 10.90 17.39
C LEU A 130 8.39 10.64 18.50
N SER A 131 8.07 11.67 19.26
CA SER A 131 6.99 11.53 20.20
C SER A 131 5.65 11.53 19.45
N GLU A 132 4.70 10.77 19.98
CA GLU A 132 3.34 10.84 19.49
C GLU A 132 2.82 12.23 19.77
N ILE A 133 1.94 12.71 18.91
CA ILE A 133 1.26 13.97 19.15
C ILE A 133 -0.24 13.70 19.25
N PRO A 134 -0.78 13.73 20.47
CA PRO A 134 -2.21 13.49 20.71
C PRO A 134 -3.02 14.47 19.87
N GLU A 135 -4.09 14.01 19.23
CA GLU A 135 -4.82 14.87 18.31
C GLU A 135 -5.34 16.13 18.98
N LYS A 136 -5.62 16.05 20.28
CA LYS A 136 -6.07 17.25 21.02
C LYS A 136 -4.95 18.29 21.12
N ASP A 137 -3.70 17.87 20.97
CA ASP A 137 -2.59 18.82 21.03
C ASP A 137 -2.30 19.44 19.67
N ILE A 138 -3.09 19.10 18.66
CA ILE A 138 -2.91 19.70 17.34
C ILE A 138 -3.95 20.79 17.17
N LYS A 139 -3.50 22.04 17.20
CA LYS A 139 -4.41 23.20 17.09
C LYS A 139 -5.07 23.29 15.72
N ASN A 140 -6.38 23.50 15.71
CA ASN A 140 -7.13 23.72 14.47
C ASN A 140 -6.90 22.60 13.45
N LYS A 141 -6.92 21.36 13.93
CA LYS A 141 -6.51 20.21 13.13
C LYS A 141 -7.36 20.01 11.88
N GLU A 142 -8.62 20.42 11.93
CA GLU A 142 -9.52 20.17 10.80
C GLU A 142 -9.27 21.16 9.64
N ASP A 143 -8.47 22.18 9.91
CA ASP A 143 -8.10 23.15 8.90
C ASP A 143 -6.92 22.61 8.07
N ILE A 144 -6.38 21.47 8.49
CA ILE A 144 -5.25 20.86 7.78
C ILE A 144 -5.72 19.91 6.69
N LEU A 145 -5.07 19.96 5.53
CA LEU A 145 -5.46 19.07 4.43
C LEU A 145 -5.33 17.62 4.89
N PRO A 146 -6.43 16.85 4.78
CA PRO A 146 -6.47 15.50 5.31
C PRO A 146 -5.35 14.61 4.79
N PHE A 147 -5.09 14.58 3.48
CA PHE A 147 -4.10 13.65 2.97
C PHE A 147 -2.73 13.90 3.64
N ALA A 148 -2.49 15.15 4.03
CA ALA A 148 -1.23 15.54 4.66
C ALA A 148 -1.17 15.15 6.14
N MET A 149 -2.28 15.34 6.87
CA MET A 149 -2.36 14.89 8.26
C MET A 149 -2.31 13.37 8.36
N GLU A 150 -3.05 12.72 7.47
CA GLU A 150 -3.06 11.27 7.40
C GLU A 150 -1.67 10.73 7.08
N GLY A 151 -0.96 11.42 6.19
CA GLY A 151 0.40 11.02 5.84
C GLY A 151 1.35 11.07 7.01
N CYS A 152 0.97 11.78 8.06
CA CYS A 152 1.76 11.92 9.27
C CYS A 152 1.26 11.00 10.39
N THR A 153 0.27 10.19 10.07
CA THR A 153 -0.40 9.36 11.07
C THR A 153 -0.12 7.88 10.85
N ILE A 154 0.40 7.22 11.88
CA ILE A 154 0.71 5.79 11.80
C ILE A 154 -0.04 5.01 12.88
N LYS A 155 -0.85 4.05 12.43
CA LYS A 155 -1.68 3.21 13.30
C LYS A 155 -2.51 4.05 14.27
N GLY A 156 -3.12 5.12 13.77
CA GLY A 156 -3.99 5.96 14.57
C GLY A 156 -3.32 7.06 15.36
N SER A 157 -1.99 7.08 15.36
CA SER A 157 -1.28 8.12 16.10
C SER A 157 -0.53 9.05 15.16
N ALA A 158 -0.66 10.35 15.39
CA ALA A 158 0.12 11.35 14.65
C ALA A 158 1.53 11.44 15.24
N TYR A 159 2.53 11.49 14.36
CA TYR A 159 3.92 11.64 14.80
C TYR A 159 4.55 12.91 14.27
N ALA A 160 3.78 13.67 13.49
CA ALA A 160 4.23 14.96 13.01
C ALA A 160 3.06 15.83 12.63
N ILE A 161 3.32 17.14 12.47
CA ILE A 161 2.32 18.05 11.94
C ILE A 161 2.85 18.63 10.65
N PRO A 162 2.11 18.44 9.55
CA PRO A 162 2.53 18.89 8.22
C PRO A 162 2.66 20.42 8.18
N GLN A 163 3.71 20.90 7.52
CA GLN A 163 3.96 22.33 7.39
C GLN A 163 3.89 22.81 5.94
N ILE A 164 4.60 22.09 5.06
CA ILE A 164 4.67 22.40 3.63
C ILE A 164 4.39 21.13 2.83
N ILE A 165 3.69 21.26 1.70
CA ILE A 165 3.63 20.19 0.71
C ILE A 165 4.22 20.72 -0.58
N SER A 166 4.63 19.81 -1.45
CA SER A 166 5.34 20.17 -2.66
C SER A 166 5.25 19.09 -3.75
N THR A 167 5.08 19.54 -4.98
CA THR A 167 5.09 18.62 -6.10
C THR A 167 5.63 19.31 -7.32
N ASN A 168 6.17 18.51 -8.23
CA ASN A 168 6.63 19.03 -9.51
C ASN A 168 5.43 19.41 -10.36
N LEU A 169 5.54 20.52 -11.09
CA LEU A 169 4.48 20.93 -12.01
C LEU A 169 5.03 21.07 -13.41
N LEU A 170 4.18 20.84 -14.40
CA LEU A 170 4.47 21.21 -15.78
C LEU A 170 4.08 22.66 -16.02
N PHE A 171 5.08 23.50 -16.24
CA PHE A 171 4.88 24.92 -16.55
C PHE A 171 4.89 25.15 -18.07
N SER A 172 3.90 25.88 -18.58
CA SER A 172 3.87 26.22 -20.00
C SER A 172 3.53 27.70 -20.20
N ARG A 173 3.91 28.28 -21.34
CA ARG A 173 3.64 29.70 -21.56
C ARG A 173 2.23 29.94 -22.06
N LYS A 174 1.61 31.00 -21.56
CA LYS A 174 0.21 31.29 -21.86
C LYS A 174 0.12 31.42 -23.38
N GLY A 175 -0.86 30.75 -23.98
CA GLY A 175 -1.03 30.73 -25.42
C GLY A 175 -0.49 29.46 -26.05
N ASP A 176 0.28 28.68 -25.28
CA ASP A 176 0.81 27.42 -25.79
C ASP A 176 -0.18 26.28 -25.47
N TYR A 177 -1.25 26.20 -26.25
CA TYR A 177 -2.36 25.29 -25.95
C TYR A 177 -1.93 23.81 -26.04
N ASP A 178 -1.09 23.48 -27.02
CA ASP A 178 -0.52 22.13 -27.14
C ASP A 178 0.10 21.58 -25.85
N ILE A 179 0.94 22.38 -25.22
CA ILE A 179 1.59 21.93 -24.00
C ILE A 179 0.63 21.83 -22.83
N GLN A 180 -0.30 22.78 -22.74
CA GLN A 180 -1.13 22.82 -21.55
C GLN A 180 -2.11 21.64 -21.55
N LYS A 181 -2.34 21.01 -22.71
CA LYS A 181 -3.23 19.84 -22.81
C LYS A 181 -2.51 18.47 -22.57
N VAL A 182 -1.23 18.51 -22.27
CA VAL A 182 -0.47 17.31 -21.93
C VAL A 182 -0.98 16.70 -20.60
N ASN A 183 -1.12 15.38 -20.51
CA ASN A 183 -1.52 14.71 -19.25
C ASN A 183 -0.39 13.88 -18.65
N SER A 184 0.61 13.56 -19.46
CA SER A 184 1.69 12.71 -18.99
C SER A 184 2.99 13.05 -19.70
N VAL A 185 4.09 12.48 -19.22
CA VAL A 185 5.39 12.74 -19.83
C VAL A 185 5.43 12.14 -21.23
N TYR A 186 4.58 11.16 -21.48
CA TYR A 186 4.50 10.51 -22.80
C TYR A 186 3.77 11.43 -23.79
N ASP A 187 2.70 12.09 -23.35
CA ASP A 187 2.11 13.15 -24.17
C ASP A 187 3.12 14.25 -24.44
N LEU A 188 3.86 14.63 -23.40
CA LEU A 188 4.86 15.69 -23.52
C LEU A 188 5.91 15.36 -24.58
N TYR A 189 6.36 14.11 -24.58
CA TYR A 189 7.38 13.64 -25.52
C TYR A 189 6.92 13.67 -26.98
N ASP A 190 5.67 13.27 -27.23
CA ASP A 190 5.05 13.40 -28.55
C ASP A 190 5.07 14.84 -29.04
N LYS A 191 5.08 15.78 -28.12
CA LYS A 191 5.08 17.20 -28.47
C LYS A 191 6.46 17.81 -28.58
N LEU A 192 7.37 17.42 -27.68
CA LEU A 192 8.70 18.01 -27.64
C LEU A 192 9.71 17.23 -28.46
N GLY A 193 9.63 15.90 -28.41
CA GLY A 193 10.67 15.07 -28.99
C GLY A 193 11.96 15.17 -28.18
N LYS A 194 13.02 14.59 -28.73
CA LYS A 194 14.35 14.59 -28.11
C LYS A 194 15.05 15.93 -28.27
N PHE A 195 15.82 16.31 -27.25
CA PHE A 195 16.79 17.39 -27.41
C PHE A 195 18.14 16.72 -27.44
N THR A 196 18.76 16.72 -28.62
CA THR A 196 19.94 15.91 -28.89
C THR A 196 21.25 16.69 -28.82
N SER A 197 21.18 17.89 -28.27
CA SER A 197 22.37 18.70 -28.12
C SER A 197 22.91 18.53 -26.70
N GLU A 198 24.16 18.91 -26.50
CA GLU A 198 24.72 18.86 -25.16
C GLU A 198 24.75 20.27 -24.56
N ASP A 199 24.14 21.22 -25.26
CA ASP A 199 24.00 22.57 -24.75
C ASP A 199 23.26 22.56 -23.42
N ILE A 200 23.81 23.25 -22.43
CA ILE A 200 23.13 23.44 -21.17
C ILE A 200 22.04 24.50 -21.35
N ILE A 201 22.34 25.48 -22.20
CA ILE A 201 21.40 26.53 -22.53
C ILE A 201 20.54 26.08 -23.71
N LEU A 202 19.25 25.89 -23.46
CA LEU A 202 18.34 25.41 -24.50
C LEU A 202 18.00 26.53 -25.49
N PRO A 203 17.52 26.20 -26.70
CA PRO A 203 17.10 27.30 -27.58
C PRO A 203 15.78 27.92 -27.11
N ASN A 204 15.50 29.13 -27.59
CA ASN A 204 14.21 29.77 -27.38
C ASN A 204 13.07 28.84 -27.80
N ASN A 205 12.13 28.62 -26.89
CA ASN A 205 10.94 27.80 -27.13
C ASN A 205 11.17 26.38 -27.64
N LYS A 206 12.28 25.76 -27.23
CA LYS A 206 12.57 24.41 -27.68
C LYS A 206 13.12 23.59 -26.50
N GLY A 207 12.61 22.38 -26.31
CA GLY A 207 13.11 21.47 -25.30
C GLY A 207 12.49 21.58 -23.91
N LEU A 208 12.85 20.62 -23.06
CA LEU A 208 12.30 20.60 -21.71
C LEU A 208 13.35 21.07 -20.71
N LEU A 209 13.02 22.11 -19.97
CA LEU A 209 13.82 22.47 -18.81
C LEU A 209 13.40 21.63 -17.61
N ILE A 210 14.35 20.94 -16.99
CA ILE A 210 14.05 20.18 -15.78
C ILE A 210 15.34 19.87 -15.03
N ASP A 211 15.29 19.99 -13.71
CA ASP A 211 16.47 19.67 -12.91
C ASP A 211 16.46 18.20 -12.48
N MET A 212 17.25 17.38 -13.16
CA MET A 212 17.43 15.99 -12.77
C MET A 212 18.84 15.78 -12.26
N SER A 213 19.47 16.83 -11.73
CA SER A 213 20.87 16.74 -11.29
C SER A 213 21.08 15.93 -10.00
N GLY A 214 20.10 15.92 -9.10
CA GLY A 214 20.33 15.27 -7.82
C GLY A 214 20.13 13.75 -7.84
N GLY A 215 20.98 13.04 -7.12
CA GLY A 215 20.88 11.58 -7.07
C GLY A 215 19.62 11.17 -6.33
N THR A 216 19.44 11.76 -5.16
CA THR A 216 18.27 11.51 -4.34
C THR A 216 16.97 11.88 -5.06
N SER A 217 16.99 13.02 -5.74
CA SER A 217 15.80 13.49 -6.43
C SER A 217 15.39 12.50 -7.50
N LYS A 218 16.37 11.93 -8.17
CA LYS A 218 16.09 10.98 -9.24
C LYS A 218 15.56 9.66 -8.68
N ALA A 219 16.08 9.24 -7.54
CA ALA A 219 15.59 8.01 -6.94
C ALA A 219 14.14 8.22 -6.55
N CYS A 220 13.84 9.39 -6.01
CA CYS A 220 12.48 9.72 -5.60
C CYS A 220 11.55 9.76 -6.81
N MET A 221 12.07 10.27 -7.92
CA MET A 221 11.30 10.33 -9.17
C MET A 221 10.97 8.91 -9.66
N TYR A 222 11.92 7.99 -9.51
CA TYR A 222 11.67 6.59 -9.86
C TYR A 222 10.53 6.00 -9.02
N LEU A 223 10.54 6.27 -7.71
CA LEU A 223 9.44 5.84 -6.83
C LEU A 223 8.11 6.43 -7.28
N ASP A 224 8.11 7.73 -7.59
CA ASP A 224 6.90 8.39 -8.10
C ASP A 224 6.46 7.71 -9.39
N SER A 225 7.43 7.42 -10.25
CA SER A 225 7.15 6.75 -11.52
C SER A 225 6.52 5.36 -11.29
N LEU A 226 6.99 4.64 -10.28
CA LEU A 226 6.45 3.31 -9.98
C LEU A 226 4.99 3.39 -9.62
N ILE A 227 4.67 4.35 -8.77
CA ILE A 227 3.28 4.55 -8.35
C ILE A 227 2.37 4.87 -9.54
N ASP A 228 2.76 5.78 -10.43
CA ASP A 228 1.92 6.07 -11.61
C ASP A 228 1.86 4.87 -12.58
N THR A 229 2.96 4.13 -12.67
CA THR A 229 3.06 3.00 -13.59
C THR A 229 2.21 1.83 -13.10
N THR A 230 2.26 1.53 -11.81
CA THR A 230 1.48 0.43 -11.27
C THR A 230 0.08 0.87 -10.93
N GLN A 231 -0.16 2.18 -10.95
CA GLN A 231 -1.47 2.73 -10.62
C GLN A 231 -1.89 2.34 -9.20
N GLU A 232 -0.90 2.15 -8.33
CA GLU A 232 -1.16 1.83 -6.94
C GLU A 232 -0.36 2.74 -6.01
N TYR A 233 -1.05 3.52 -5.18
CA TYR A 233 -0.33 4.27 -4.17
C TYR A 233 0.23 3.34 -3.10
N THR A 234 1.48 3.55 -2.71
CA THR A 234 2.09 2.74 -1.65
C THR A 234 2.99 3.61 -0.81
N LYS A 235 3.21 3.22 0.43
CA LYS A 235 4.13 3.92 1.31
C LYS A 235 5.50 3.24 1.28
N PHE A 236 5.63 2.24 0.39
CA PHE A 236 6.90 1.54 0.21
C PHE A 236 7.53 1.03 1.51
N CYS A 237 6.72 0.39 2.37
N CYS A 237 6.73 0.37 2.36
CA CYS A 237 7.25 -0.26 3.57
CA CYS A 237 7.26 -0.25 3.57
C CYS A 237 8.44 -1.16 3.19
C CYS A 237 8.41 -1.21 3.23
N SER A 238 8.27 -1.91 2.11
CA SER A 238 9.40 -2.59 1.48
C SER A 238 9.75 -1.79 0.25
N LEU A 239 11.00 -1.38 0.13
CA LEU A 239 11.41 -0.55 -0.99
C LEU A 239 11.72 -1.45 -2.19
N PRO A 240 11.52 -0.95 -3.41
CA PRO A 240 11.64 -1.71 -4.67
C PRO A 240 13.00 -2.37 -4.85
N ASN A 241 13.00 -3.48 -5.60
CA ASN A 241 14.21 -4.24 -5.88
C ASN A 241 14.96 -3.56 -6.99
N LEU A 242 16.18 -3.14 -6.70
CA LEU A 242 16.98 -2.36 -7.62
C LEU A 242 17.74 -3.25 -8.60
N ASN A 243 17.71 -4.57 -8.36
CA ASN A 243 18.32 -5.50 -9.29
C ASN A 243 17.36 -5.78 -10.44
N GLU A 244 16.08 -5.56 -10.21
CA GLU A 244 15.06 -5.76 -11.23
C GLU A 244 14.20 -4.50 -11.36
N LEU A 245 14.73 -3.50 -12.07
CA LEU A 245 13.99 -2.25 -12.30
C LEU A 245 12.74 -2.45 -13.16
N ASN A 246 11.64 -1.82 -12.76
CA ASN A 246 10.45 -1.75 -13.58
C ASN A 246 10.75 -0.96 -14.85
N LYS A 247 10.67 -1.65 -15.99
CA LYS A 247 11.12 -1.10 -17.26
C LYS A 247 10.31 0.12 -17.68
N ASP A 248 9.00 0.06 -17.49
CA ASP A 248 8.13 1.16 -17.87
C ASP A 248 8.36 2.39 -17.00
N ALA A 249 8.49 2.15 -15.70
CA ALA A 249 8.64 3.22 -14.73
C ALA A 249 9.95 3.96 -14.95
N ILE A 250 11.02 3.22 -15.21
CA ILE A 250 12.30 3.86 -15.47
C ILE A 250 12.32 4.53 -16.86
N GLU A 251 11.55 3.98 -17.80
CA GLU A 251 11.44 4.56 -19.13
C GLU A 251 10.96 6.03 -19.06
N SER A 252 10.10 6.32 -18.10
CA SER A 252 9.57 7.67 -17.92
C SER A 252 10.68 8.67 -17.60
N LEU A 253 11.62 8.26 -16.75
CA LEU A 253 12.79 9.09 -16.47
C LEU A 253 13.71 9.24 -17.68
N VAL A 254 13.90 8.15 -18.42
CA VAL A 254 14.69 8.20 -19.66
C VAL A 254 14.06 9.21 -20.62
N LEU A 255 12.75 9.20 -20.74
CA LEU A 255 12.08 10.12 -21.67
C LEU A 255 12.25 11.57 -21.27
N LEU A 256 12.08 11.85 -19.98
CA LEU A 256 12.27 13.18 -19.44
C LEU A 256 13.66 13.68 -19.78
N GLN A 257 14.67 12.84 -19.53
CA GLN A 257 16.04 13.24 -19.78
C GLN A 257 16.29 13.49 -21.26
N SER A 258 15.67 12.69 -22.12
CA SER A 258 15.88 12.84 -23.56
C SER A 258 15.28 14.14 -24.09
N MET A 259 14.19 14.62 -23.48
CA MET A 259 13.58 15.89 -23.88
C MET A 259 14.40 17.06 -23.40
N ALA A 260 15.22 16.83 -22.39
CA ALA A 260 15.98 17.93 -21.80
C ALA A 260 17.38 18.01 -22.39
N GLY A 261 17.86 16.90 -22.93
CA GLY A 261 19.27 16.73 -23.17
C GLY A 261 19.92 16.30 -21.87
N LYS A 262 20.83 15.35 -21.95
CA LYS A 262 21.46 14.80 -20.76
C LYS A 262 22.29 15.86 -20.04
N SER A 263 22.94 16.74 -20.81
CA SER A 263 23.77 17.78 -20.20
C SER A 263 22.93 18.74 -19.35
N GLN A 264 21.79 19.18 -19.88
CA GLN A 264 20.98 20.14 -19.16
C GLN A 264 20.24 19.47 -17.99
N ALA A 265 19.75 18.25 -18.20
CA ALA A 265 19.05 17.52 -17.15
C ALA A 265 19.92 17.35 -15.88
N ASN A 266 21.19 17.06 -16.07
CA ASN A 266 22.08 16.77 -14.94
C ASN A 266 22.95 17.95 -14.50
N TYR A 267 22.61 19.14 -14.96
CA TYR A 267 23.41 20.33 -14.69
C TYR A 267 23.13 20.94 -13.34
N TRP A 268 24.20 21.26 -12.62
CA TRP A 268 24.10 22.08 -11.41
C TRP A 268 24.96 23.33 -11.59
N PRO A 269 24.37 24.52 -11.43
CA PRO A 269 25.09 25.76 -11.77
C PRO A 269 26.21 26.07 -10.79
N GLU A 270 27.31 26.61 -11.31
CA GLU A 270 28.46 26.95 -10.48
C GLU A 270 28.12 27.95 -9.38
N ASN A 271 27.08 28.77 -9.58
CA ASN A 271 26.70 29.71 -8.52
C ASN A 271 25.63 29.16 -7.56
N ASN A 272 25.28 27.88 -7.70
CA ASN A 272 24.35 27.23 -6.77
C ASN A 272 22.92 27.82 -6.76
N ASP A 273 22.53 28.46 -7.85
CA ASP A 273 21.15 28.94 -8.01
C ASP A 273 20.21 27.76 -8.25
N SER A 274 19.46 27.39 -7.23
CA SER A 274 18.53 26.26 -7.28
C SER A 274 17.37 26.49 -8.25
N TYR A 275 17.17 27.73 -8.69
CA TYR A 275 16.00 28.00 -9.53
C TYR A 275 16.38 28.60 -10.88
N ILE A 276 17.59 28.27 -11.34
CA ILE A 276 18.13 28.95 -12.50
C ILE A 276 17.29 28.66 -13.75
N ARG A 277 16.79 27.43 -13.86
CA ARG A 277 15.96 27.02 -14.98
C ARG A 277 14.65 27.80 -15.06
N ALA A 278 14.10 28.19 -13.91
CA ALA A 278 12.89 29.02 -13.84
C ALA A 278 13.15 30.40 -14.48
N LYS A 279 14.34 30.95 -14.27
CA LYS A 279 14.70 32.22 -14.89
C LYS A 279 14.94 32.08 -16.40
N TRP A 280 15.64 31.01 -16.81
CA TRP A 280 15.80 30.73 -18.23
C TRP A 280 14.45 30.60 -18.92
N PHE A 281 13.52 29.93 -18.25
CA PHE A 281 12.21 29.68 -18.84
C PHE A 281 11.48 31.00 -19.10
N ILE A 282 11.41 31.84 -18.07
CA ILE A 282 10.80 33.14 -18.20
C ILE A 282 11.48 33.98 -19.29
N ASN A 283 12.80 33.82 -19.43
CA ASN A 283 13.54 34.59 -20.43
C ASN A 283 13.35 34.01 -21.86
N GLY A 284 12.52 32.98 -22.00
CA GLY A 284 12.23 32.41 -23.30
C GLY A 284 12.95 31.13 -23.68
N LYS A 285 13.84 30.62 -22.83
CA LYS A 285 14.53 29.37 -23.12
C LYS A 285 13.62 28.17 -22.90
N GLY A 286 13.68 27.19 -23.79
CA GLY A 286 12.87 26.01 -23.62
C GLY A 286 11.42 26.20 -24.03
N ARG A 287 10.76 25.08 -24.29
CA ARG A 287 9.35 25.07 -24.65
C ARG A 287 8.48 24.89 -23.41
N ALA A 288 8.98 24.13 -22.44
CA ALA A 288 8.24 23.83 -21.23
C ALA A 288 9.24 23.65 -20.09
N TYR A 289 8.73 23.73 -18.86
CA TYR A 289 9.57 23.66 -17.68
C TYR A 289 8.89 22.83 -16.61
N ILE A 290 9.59 21.81 -16.11
CA ILE A 290 9.07 21.03 -15.00
C ILE A 290 9.88 21.39 -13.74
N GLY A 291 9.17 21.80 -12.69
CA GLY A 291 9.81 22.21 -11.44
C GLY A 291 8.75 22.33 -10.37
N TYR A 292 9.18 22.61 -9.14
CA TYR A 292 8.29 22.75 -7.98
C TYR A 292 7.51 24.07 -8.04
N THR A 293 6.38 24.13 -7.35
CA THR A 293 5.57 25.34 -7.30
C THR A 293 6.41 26.53 -6.88
N GLU A 294 7.32 26.32 -5.93
CA GLU A 294 8.07 27.46 -5.40
C GLU A 294 9.05 28.06 -6.42
N ALA A 295 9.21 27.43 -7.58
CA ALA A 295 10.00 28.04 -8.66
C ALA A 295 9.42 29.39 -9.08
N MET A 296 8.11 29.57 -8.90
CA MET A 296 7.46 30.82 -9.30
C MET A 296 7.92 32.01 -8.47
N SER A 297 8.59 31.72 -7.34
CA SER A 297 9.16 32.77 -6.50
C SER A 297 10.25 33.54 -7.21
N GLN A 298 10.85 32.93 -8.24
CA GLN A 298 11.90 33.59 -9.00
C GLN A 298 11.40 34.06 -10.37
N MET A 299 10.12 33.86 -10.66
CA MET A 299 9.58 34.25 -11.95
C MET A 299 9.07 35.69 -12.03
N LYS A 300 9.06 36.39 -10.90
CA LYS A 300 8.65 37.79 -10.84
C LYS A 300 7.20 37.92 -11.34
N GLU A 301 6.90 39.03 -12.00
CA GLU A 301 5.55 39.29 -12.52
C GLU A 301 5.22 38.34 -13.68
N PHE A 302 6.23 37.72 -14.27
CA PHE A 302 6.03 36.78 -15.37
C PHE A 302 5.35 35.47 -14.92
N ALA A 303 5.30 35.22 -13.62
CA ALA A 303 4.46 34.14 -13.09
C ALA A 303 3.01 34.27 -13.60
N ASN A 304 2.55 35.50 -13.84
CA ASN A 304 1.19 35.72 -14.34
C ASN A 304 1.00 35.40 -15.81
N ASP A 305 2.10 35.13 -16.51
CA ASP A 305 2.03 34.79 -17.93
C ASP A 305 2.27 33.29 -18.17
N ILE A 306 2.22 32.49 -17.11
CA ILE A 306 2.47 31.06 -17.18
C ILE A 306 1.26 30.25 -16.76
N ASP A 307 1.10 29.05 -17.32
CA ASP A 307 0.16 28.06 -16.80
C ASP A 307 0.88 26.90 -16.13
N PHE A 308 0.20 26.22 -15.20
CA PHE A 308 0.79 25.05 -14.57
C PHE A 308 -0.25 23.98 -14.27
N LYS A 309 0.21 22.72 -14.29
CA LYS A 309 -0.61 21.57 -13.96
C LYS A 309 0.26 20.40 -13.53
N THR A 310 -0.33 19.43 -12.86
CA THR A 310 0.36 18.18 -12.58
C THR A 310 0.23 17.26 -13.77
N ILE A 311 1.23 16.43 -14.01
CA ILE A 311 1.09 15.44 -15.06
C ILE A 311 1.57 14.07 -14.57
N SER A 312 1.11 13.03 -15.25
CA SER A 312 1.46 11.68 -14.85
C SER A 312 2.84 11.28 -15.36
N LEU A 313 3.55 10.45 -14.60
CA LEU A 313 4.80 9.86 -15.06
C LEU A 313 4.55 8.60 -15.87
N SER A 314 3.29 8.17 -15.96
CA SER A 314 2.99 7.00 -16.78
C SER A 314 1.99 7.37 -17.86
N LYS A 315 1.69 6.41 -18.72
CA LYS A 315 0.64 6.60 -19.72
C LYS A 315 -0.73 6.54 -19.03
N ASN A 316 -0.78 6.09 -17.79
CA ASN A 316 -2.04 6.04 -17.07
C ASN A 316 -2.31 7.32 -16.30
N SER A 317 -3.50 7.43 -15.70
CA SER A 317 -3.87 8.62 -14.94
C SER A 317 -2.93 8.93 -13.76
N ASN A 318 -2.61 10.21 -13.59
CA ASN A 318 -1.71 10.63 -12.54
C ASN A 318 -2.23 10.31 -11.15
N ILE A 319 -1.39 9.70 -10.32
CA ILE A 319 -1.65 9.67 -8.89
C ILE A 319 -0.80 10.81 -8.30
N PRO A 320 -1.47 11.89 -7.83
CA PRO A 320 -0.71 13.10 -7.50
C PRO A 320 0.01 12.94 -6.17
N ILE A 321 1.33 12.82 -6.23
CA ILE A 321 2.16 12.61 -5.06
C ILE A 321 2.81 13.91 -4.62
N PHE A 322 2.72 14.21 -3.33
CA PHE A 322 3.30 15.44 -2.76
C PHE A 322 4.32 15.11 -1.69
N TYR A 323 5.51 15.70 -1.80
CA TYR A 323 6.41 15.74 -0.66
C TYR A 323 5.75 16.49 0.47
N GLY A 324 6.00 16.03 1.69
CA GLY A 324 5.55 16.71 2.90
C GLY A 324 6.76 17.11 3.73
N ASP A 325 6.81 18.37 4.11
CA ASP A 325 7.79 18.82 5.10
C ASP A 325 7.03 18.99 6.39
N VAL A 326 7.38 18.18 7.39
CA VAL A 326 6.53 18.01 8.55
C VAL A 326 7.33 18.19 9.84
N VAL A 327 6.66 18.70 10.87
CA VAL A 327 7.34 19.02 12.12
C VAL A 327 7.11 17.92 13.13
N GLY A 328 8.22 17.45 13.70
CA GLY A 328 8.22 16.40 14.69
C GLY A 328 8.80 16.88 15.99
N ILE A 329 8.56 16.13 17.05
CA ILE A 329 9.02 16.48 18.38
C ILE A 329 9.84 15.32 18.93
N ASN A 330 11.02 15.62 19.46
CA ASN A 330 11.98 14.57 19.84
C ASN A 330 11.45 13.74 21.00
N SER A 331 11.53 12.43 20.85
CA SER A 331 11.09 11.50 21.90
C SER A 331 11.99 11.52 23.15
N SER A 332 13.15 12.15 23.03
CA SER A 332 14.07 12.18 24.16
C SER A 332 13.59 13.17 25.21
N ILE A 333 12.70 14.06 24.81
CA ILE A 333 12.10 14.99 25.75
C ILE A 333 11.14 14.24 26.68
N THR A 334 11.51 14.14 27.95
CA THR A 334 10.70 13.40 28.91
C THR A 334 10.15 14.33 29.99
N ASN A 335 10.81 15.46 30.20
CA ASN A 335 10.27 16.45 31.11
C ASN A 335 8.97 17.05 30.55
N SER A 336 7.88 16.88 31.30
CA SER A 336 6.55 17.23 30.82
C SER A 336 6.39 18.74 30.55
N TYR A 337 7.08 19.56 31.33
CA TYR A 337 7.01 21.00 31.08
C TYR A 337 7.67 21.32 29.74
N LYS A 338 8.86 20.77 29.53
CA LYS A 338 9.58 21.00 28.30
C LYS A 338 8.78 20.43 27.14
N LYS A 339 8.18 19.26 27.38
CA LYS A 339 7.35 18.62 26.38
C LYS A 339 6.21 19.53 25.96
N GLU A 340 5.61 20.23 26.91
CA GLU A 340 4.52 21.17 26.61
C GLU A 340 5.05 22.31 25.75
N LYS A 341 6.24 22.80 26.08
CA LYS A 341 6.81 23.91 25.31
C LYS A 341 7.13 23.51 23.86
N ALA A 342 7.58 22.27 23.66
CA ALA A 342 7.91 21.78 22.32
C ALA A 342 6.66 21.61 21.45
N ILE A 343 5.60 21.11 22.07
CA ILE A 343 4.33 20.93 21.37
C ILE A 343 3.80 22.30 20.93
N GLU A 344 4.01 23.29 21.79
CA GLU A 344 3.61 24.64 21.48
C GLU A 344 4.42 25.19 20.30
N LEU A 345 5.73 24.93 20.30
CA LEU A 345 6.59 25.37 19.21
C LEU A 345 6.21 24.71 17.88
N ALA A 346 5.92 23.43 17.96
CA ALA A 346 5.52 22.65 16.80
C ALA A 346 4.26 23.24 16.17
N ASN A 347 3.33 23.66 17.00
CA ASN A 347 2.11 24.27 16.48
C ASN A 347 2.39 25.65 15.89
N ILE A 348 3.26 26.42 16.53
CA ILE A 348 3.62 27.73 16.01
C ILE A 348 4.31 27.63 14.63
N ILE A 349 5.19 26.66 14.48
CA ILE A 349 5.85 26.41 13.20
C ILE A 349 4.86 26.03 12.10
N THR A 350 3.73 25.45 12.48
CA THR A 350 2.75 25.02 11.50
C THR A 350 1.45 25.81 11.49
N ASP A 351 1.38 26.92 12.23
CA ASP A 351 0.08 27.58 12.27
C ASP A 351 -0.08 28.59 11.15
N LYS A 352 -1.33 29.03 10.99
CA LYS A 352 -1.73 29.90 9.90
C LYS A 352 -0.89 31.18 9.81
N ASN A 353 -0.82 31.93 10.91
CA ASN A 353 -0.15 33.24 10.92
C ASN A 353 1.32 33.14 10.58
N THR A 354 1.98 32.13 11.14
CA THR A 354 3.38 31.85 10.84
C THR A 354 3.57 31.57 9.34
N MET A 355 2.70 30.73 8.77
CA MET A 355 2.82 30.38 7.36
C MET A 355 2.55 31.58 6.45
N VAL A 356 1.54 32.40 6.77
CA VAL A 356 1.28 33.59 5.99
C VAL A 356 2.51 34.52 5.98
N LYS A 357 3.09 34.78 7.15
CA LYS A 357 4.25 35.66 7.25
C LYS A 357 5.47 35.08 6.53
N ALA A 358 5.68 33.77 6.68
CA ALA A 358 6.84 33.12 6.08
C ALA A 358 6.80 33.17 4.56
N VAL A 359 5.61 33.04 4.01
CA VAL A 359 5.43 32.85 2.57
C VAL A 359 5.23 34.14 1.76
N SER A 360 4.64 35.14 2.40
CA SER A 360 4.31 36.39 1.73
C SER A 360 5.52 37.25 1.45
N PRO A 361 5.38 38.27 0.57
CA PRO A 361 6.48 39.24 0.47
C PRO A 361 6.78 39.94 1.81
N ASP A 362 7.98 40.49 1.95
CA ASP A 362 8.24 41.40 3.07
C ASP A 362 9.10 42.58 2.62
N GLU A 363 9.73 43.27 3.56
CA GLU A 363 10.52 44.47 3.27
C GLU A 363 11.68 44.19 2.33
N ASN A 364 12.20 42.97 2.36
CA ASN A 364 13.37 42.64 1.57
C ASN A 364 13.06 41.76 0.37
N ASN A 365 11.78 41.39 0.22
CA ASN A 365 11.39 40.41 -0.79
C ASN A 365 10.06 40.78 -1.39
N LYS A 366 10.00 41.11 -2.68
CA LYS A 366 8.71 41.60 -3.15
C LYS A 366 7.79 40.51 -3.70
N TYR A 367 8.26 39.28 -3.82
CA TYR A 367 7.37 38.20 -4.32
C TYR A 367 7.14 37.08 -3.31
N PRO A 368 5.98 36.42 -3.40
CA PRO A 368 5.75 35.29 -2.49
C PRO A 368 6.70 34.14 -2.77
N GLN A 369 6.87 33.24 -1.80
CA GLN A 369 7.70 32.07 -2.01
C GLN A 369 6.98 31.05 -2.91
N TYR A 370 5.65 31.12 -2.95
CA TYR A 370 4.83 30.13 -3.70
C TYR A 370 5.09 28.69 -3.29
N LEU A 371 5.35 28.49 -2.01
CA LEU A 371 5.32 27.19 -1.38
C LEU A 371 3.86 26.83 -1.07
N LEU A 372 3.53 25.55 -1.07
CA LEU A 372 2.17 25.11 -0.76
C LEU A 372 2.01 24.85 0.73
N PRO A 373 1.17 25.64 1.40
CA PRO A 373 0.84 25.37 2.80
C PRO A 373 0.03 24.09 2.91
N ALA A 374 -0.07 23.56 4.13
CA ALA A 374 -0.86 22.37 4.40
C ALA A 374 -2.22 22.76 5.04
N ARG A 375 -2.44 24.05 5.26
CA ARG A 375 -3.68 24.53 5.88
C ARG A 375 -4.54 25.33 4.89
N ARG A 376 -5.83 25.00 4.82
CA ARG A 376 -6.75 25.73 3.95
C ARG A 376 -6.73 27.22 4.23
N SER A 377 -6.75 27.59 5.51
CA SER A 377 -6.87 28.99 5.91
C SER A 377 -5.75 29.88 5.37
N VAL A 378 -4.57 29.31 5.16
CA VAL A 378 -3.45 30.09 4.65
C VAL A 378 -3.66 30.46 3.18
N TYR A 379 -4.23 29.53 2.42
CA TYR A 379 -4.54 29.79 1.03
C TYR A 379 -5.58 30.90 0.90
N HIS A 380 -6.57 30.89 1.80
CA HIS A 380 -7.62 31.89 1.77
C HIS A 380 -7.06 33.28 2.02
N ASN A 381 -6.19 33.39 3.02
CA ASN A 381 -5.54 34.66 3.31
C ASN A 381 -4.66 35.16 2.17
N LEU A 382 -3.83 34.28 1.61
CA LEU A 382 -2.90 34.67 0.55
C LEU A 382 -3.62 34.95 -0.76
N GLY A 383 -4.68 34.21 -1.01
CA GLY A 383 -5.40 34.25 -2.27
C GLY A 383 -6.08 35.57 -2.55
N ASN A 384 -6.35 36.34 -1.51
CA ASN A 384 -6.93 37.67 -1.67
C ASN A 384 -5.89 38.60 -2.28
N LYS A 385 -4.68 38.54 -1.74
CA LYS A 385 -3.58 39.38 -2.20
C LYS A 385 -2.84 38.80 -3.42
N TYR A 386 -2.73 37.48 -3.51
CA TYR A 386 -1.92 36.88 -4.59
C TYR A 386 -2.69 35.76 -5.29
N PRO A 387 -3.36 36.10 -6.39
CA PRO A 387 -4.32 35.24 -7.09
C PRO A 387 -3.75 33.90 -7.52
N ILE A 388 -2.45 33.80 -7.74
CA ILE A 388 -1.87 32.51 -8.10
C ILE A 388 -2.13 31.47 -7.01
N TYR A 389 -2.13 31.92 -5.75
CA TYR A 389 -2.44 30.99 -4.66
C TYR A 389 -3.84 30.41 -4.79
N GLY A 390 -4.74 31.13 -5.46
CA GLY A 390 -6.08 30.61 -5.68
C GLY A 390 -5.99 29.38 -6.57
N LYS A 391 -5.15 29.48 -7.59
CA LYS A 391 -4.98 28.37 -8.51
C LYS A 391 -4.22 27.22 -7.86
N LEU A 392 -3.23 27.54 -7.03
CA LEU A 392 -2.47 26.51 -6.36
C LEU A 392 -3.35 25.71 -5.41
N TYR A 393 -4.33 26.40 -4.80
CA TYR A 393 -5.24 25.76 -3.88
C TYR A 393 -6.01 24.65 -4.58
N LYS A 394 -6.44 24.90 -5.81
CA LYS A 394 -7.18 23.91 -6.60
C LYS A 394 -6.36 22.64 -6.82
N ILE A 395 -5.04 22.76 -6.84
CA ILE A 395 -4.18 21.58 -6.97
C ILE A 395 -4.01 20.90 -5.61
N ALA A 396 -3.81 21.73 -4.59
CA ALA A 396 -3.55 21.26 -3.24
C ALA A 396 -4.74 20.55 -2.55
N ASP A 397 -5.97 20.92 -2.91
N ASP A 397 -5.97 20.88 -2.93
CA ASP A 397 -7.13 20.47 -2.14
CA ASP A 397 -7.11 20.44 -2.13
C ASP A 397 -7.77 19.21 -2.73
C ASP A 397 -7.82 19.19 -2.64
N ASN A 398 -7.12 18.64 -3.74
N ASN A 398 -7.43 18.71 -3.83
CA ASN A 398 -7.55 17.40 -4.36
CA ASN A 398 -8.01 17.48 -4.38
C ASN A 398 -7.64 16.25 -3.34
C ASN A 398 -7.85 16.28 -3.45
N SER A 399 -8.82 15.66 -3.20
N SER A 399 -8.98 15.61 -3.15
CA SER A 399 -9.05 14.57 -2.25
CA SER A 399 -9.02 14.53 -2.16
C SER A 399 -8.19 13.34 -2.54
C SER A 399 -8.18 13.32 -2.54
N ASN A 400 -7.83 13.18 -3.82
CA ASN A 400 -6.99 12.06 -4.23
C ASN A 400 -5.48 12.33 -4.11
N ASN A 401 -5.09 13.49 -3.58
CA ASN A 401 -3.67 13.73 -3.30
C ASN A 401 -3.08 12.74 -2.27
N LYS A 402 -1.83 12.34 -2.44
CA LYS A 402 -1.17 11.46 -1.47
C LYS A 402 0.18 12.05 -1.04
N LEU A 403 0.54 11.81 0.22
CA LEU A 403 1.80 12.28 0.76
C LEU A 403 2.90 11.26 0.42
N PHE A 404 4.06 11.77 0.07
CA PHE A 404 5.17 10.94 -0.36
C PHE A 404 5.79 10.26 0.85
N ARG A 405 5.55 8.96 0.99
CA ARG A 405 6.09 8.20 2.11
C ARG A 405 7.01 7.10 1.57
N THR A 406 8.04 6.75 2.34
CA THR A 406 8.87 5.58 2.03
C THR A 406 9.16 4.81 3.30
N GLY A 407 9.50 3.54 3.15
CA GLY A 407 9.72 2.67 4.29
C GLY A 407 10.93 3.02 5.15
N PRO A 408 11.06 2.32 6.29
CA PRO A 408 12.12 2.52 7.30
C PRO A 408 13.55 2.41 6.75
N GLU A 409 13.77 1.63 5.69
CA GLU A 409 15.14 1.41 5.22
C GLU A 409 15.58 2.35 4.08
N ILE A 410 14.91 3.50 3.99
CA ILE A 410 15.14 4.45 2.91
C ILE A 410 16.60 4.88 2.71
N ARG A 411 17.33 5.11 3.81
CA ARG A 411 18.70 5.60 3.69
C ARG A 411 19.60 4.65 2.92
N GLU A 412 19.57 3.36 3.27
CA GLU A 412 20.41 2.38 2.58
C GLU A 412 19.94 2.19 1.14
N TRP A 413 18.63 2.19 0.94
CA TRP A 413 18.07 2.02 -0.39
C TRP A 413 18.52 3.15 -1.30
N LEU A 414 18.40 4.40 -0.81
CA LEU A 414 18.77 5.58 -1.61
C LEU A 414 20.23 5.54 -1.99
N LYS A 415 21.07 5.09 -1.07
CA LYS A 415 22.49 4.96 -1.36
C LYS A 415 22.66 4.11 -2.62
N GLN A 416 22.02 2.95 -2.63
CA GLN A 416 22.16 2.04 -3.76
C GLN A 416 21.40 2.54 -4.98
N ALA A 417 20.26 3.20 -4.77
CA ALA A 417 19.40 3.60 -5.87
C ALA A 417 20.01 4.76 -6.66
N LYS A 418 20.64 5.71 -5.97
CA LYS A 418 21.36 6.82 -6.61
C LYS A 418 22.21 6.32 -7.76
N LYS A 419 23.10 5.38 -7.42
CA LYS A 419 24.04 4.81 -8.35
C LYS A 419 23.33 4.03 -9.46
N ILE A 420 22.38 3.18 -9.09
CA ILE A 420 21.70 2.33 -10.05
C ILE A 420 20.88 3.17 -11.05
N ILE A 421 20.03 4.06 -10.56
CA ILE A 421 19.23 4.88 -11.48
C ILE A 421 20.11 5.79 -12.36
N THR A 422 21.13 6.41 -11.77
CA THR A 422 22.02 7.27 -12.53
C THR A 422 22.71 6.53 -13.67
N GLU A 423 23.31 5.38 -13.35
CA GLU A 423 24.05 4.61 -14.35
C GLU A 423 23.12 4.11 -15.44
N TYR A 424 21.89 3.78 -15.08
CA TYR A 424 20.91 3.40 -16.10
C TYR A 424 20.69 4.57 -17.05
N LEU A 425 20.50 5.75 -16.50
CA LEU A 425 20.23 6.95 -17.31
C LEU A 425 21.47 7.43 -18.09
N GLN A 426 22.65 6.93 -17.74
CA GLN A 426 23.86 7.35 -18.45
C GLN A 426 24.02 6.63 -19.78
N GLN A 427 23.33 5.52 -19.93
CA GLN A 427 23.42 4.74 -21.15
C GLN A 427 22.86 5.50 -22.37
N THR B 63 -29.45 -16.43 23.93
CA THR B 63 -29.10 -16.91 22.59
C THR B 63 -28.15 -15.98 21.81
N LEU B 64 -27.26 -16.58 21.02
CA LEU B 64 -26.43 -15.85 20.06
C LEU B 64 -26.56 -16.41 18.66
N ASN B 65 -26.71 -15.52 17.68
CA ASN B 65 -26.75 -15.90 16.28
C ASN B 65 -25.36 -15.86 15.72
N VAL B 66 -24.90 -16.98 15.17
CA VAL B 66 -23.52 -17.07 14.76
C VAL B 66 -23.42 -17.76 13.40
N ALA B 67 -22.59 -17.21 12.53
CA ALA B 67 -22.33 -17.86 11.25
C ALA B 67 -20.88 -18.29 11.16
N LEU B 68 -20.66 -19.58 10.88
CA LEU B 68 -19.29 -20.05 10.65
C LEU B 68 -18.94 -19.98 9.18
N TYR B 69 -17.65 -20.14 8.86
CA TYR B 69 -17.22 -20.12 7.48
C TYR B 69 -17.43 -21.48 6.89
N GLU B 70 -18.32 -21.58 5.93
CA GLU B 70 -18.78 -22.91 5.52
C GLU B 70 -18.06 -23.50 4.31
N TYR B 71 -17.15 -22.76 3.69
CA TYR B 71 -16.42 -23.31 2.55
C TYR B 71 -15.18 -24.04 3.04
N VAL B 72 -15.42 -25.14 3.72
CA VAL B 72 -14.37 -26.00 4.26
C VAL B 72 -14.77 -27.45 3.99
N PRO B 73 -13.82 -28.38 4.01
CA PRO B 73 -14.17 -29.78 3.76
C PRO B 73 -15.31 -30.28 4.64
N ASP B 74 -15.36 -29.86 5.89
CA ASP B 74 -16.41 -30.34 6.77
C ASP B 74 -16.82 -29.30 7.79
N PRO B 75 -17.88 -28.55 7.48
CA PRO B 75 -18.38 -27.53 8.41
C PRO B 75 -19.03 -28.14 9.66
N ILE B 76 -19.46 -29.40 9.59
CA ILE B 76 -20.08 -30.03 10.76
C ILE B 76 -19.08 -30.15 11.88
N ARG B 77 -17.86 -30.55 11.55
CA ARG B 77 -16.80 -30.67 12.54
C ARG B 77 -16.49 -29.33 13.22
N PHE B 78 -16.58 -28.25 12.46
CA PHE B 78 -16.42 -26.93 13.06
C PHE B 78 -17.57 -26.63 14.00
N LYS B 79 -18.78 -26.94 13.55
CA LYS B 79 -19.96 -26.64 14.35
C LYS B 79 -19.89 -27.37 15.68
N LYS B 80 -19.58 -28.66 15.64
CA LYS B 80 -19.45 -29.46 16.85
C LYS B 80 -18.33 -28.97 17.78
N ALA B 81 -17.17 -28.63 17.23
CA ALA B 81 -16.06 -28.13 18.03
C ALA B 81 -16.44 -26.84 18.75
N VAL B 82 -17.11 -25.94 18.03
CA VAL B 82 -17.52 -24.69 18.63
C VAL B 82 -18.59 -24.94 19.70
N GLU B 83 -19.59 -25.76 19.36
CA GLU B 83 -20.68 -26.08 20.30
C GLU B 83 -20.12 -26.65 21.60
N THR B 84 -19.21 -27.59 21.44
CA THR B 84 -18.61 -28.30 22.55
C THR B 84 -17.85 -27.37 23.48
N GLU B 85 -16.96 -26.54 22.92
CA GLU B 85 -16.16 -25.64 23.73
C GLU B 85 -16.99 -24.53 24.36
N TRP B 86 -17.96 -24.04 23.61
CA TRP B 86 -18.85 -23.00 24.10
C TRP B 86 -19.64 -23.52 25.28
N ASN B 87 -20.15 -24.74 25.16
CA ASN B 87 -20.91 -25.34 26.25
C ASN B 87 -20.10 -25.44 27.54
N LYS B 88 -18.79 -25.67 27.41
CA LYS B 88 -17.95 -25.78 28.61
C LYS B 88 -17.93 -24.47 29.35
N LYS B 89 -17.99 -23.37 28.61
CA LYS B 89 -17.84 -22.07 29.24
C LYS B 89 -19.17 -21.39 29.51
N GLU B 90 -20.15 -21.61 28.63
CA GLU B 90 -21.43 -20.93 28.74
C GLU B 90 -22.58 -21.88 28.54
N PRO B 91 -22.98 -22.72 29.50
CA PRO B 91 -24.04 -23.72 29.17
C PRO B 91 -25.48 -23.20 29.01
N ASN B 92 -25.76 -21.93 29.28
CA ASN B 92 -27.14 -21.42 29.27
C ASN B 92 -27.34 -20.30 28.27
N ILE B 93 -26.44 -20.25 27.29
CA ILE B 93 -26.55 -19.35 26.16
C ILE B 93 -26.49 -20.26 24.99
N LYS B 94 -27.65 -20.41 24.40
CA LYS B 94 -27.75 -21.23 23.20
C LYS B 94 -27.16 -20.54 21.98
N LEU B 95 -26.40 -21.28 21.19
CA LEU B 95 -25.93 -20.78 19.90
C LEU B 95 -26.91 -21.11 18.79
N ASN B 96 -27.34 -20.12 18.03
CA ASN B 96 -28.10 -20.36 16.81
C ASN B 96 -27.20 -20.24 15.58
N PHE B 97 -26.85 -21.38 15.00
CA PHE B 97 -25.96 -21.41 13.84
C PHE B 97 -26.71 -21.05 12.57
N VAL B 98 -26.34 -19.90 12.00
CA VAL B 98 -26.94 -19.34 10.79
C VAL B 98 -26.10 -19.69 9.55
N ASP B 99 -26.75 -19.89 8.41
CA ASP B 99 -26.06 -19.97 7.15
C ASP B 99 -26.02 -18.59 6.51
N TRP B 100 -24.86 -17.95 6.57
CA TRP B 100 -24.67 -16.64 5.96
C TRP B 100 -23.49 -16.75 5.01
N ASP B 101 -23.57 -16.07 3.87
CA ASP B 101 -22.53 -16.18 2.87
C ASP B 101 -21.96 -14.80 2.56
N CYS B 102 -20.75 -14.54 3.06
CA CYS B 102 -20.12 -13.24 2.86
C CYS B 102 -19.95 -12.92 1.38
N TYR B 103 -19.79 -13.94 0.55
CA TYR B 103 -19.59 -13.68 -0.86
C TYR B 103 -20.88 -13.22 -1.54
N SER B 104 -22.01 -13.41 -0.86
CA SER B 104 -23.33 -13.07 -1.40
C SER B 104 -23.88 -11.77 -0.86
N GLU B 105 -23.75 -11.55 0.43
CA GLU B 105 -24.37 -10.37 1.04
C GLU B 105 -23.68 -9.92 2.32
N ASP B 106 -23.95 -8.67 2.71
CA ASP B 106 -23.44 -8.11 3.93
C ASP B 106 -24.07 -8.77 5.16
N PRO B 107 -23.39 -8.71 6.32
CA PRO B 107 -23.96 -9.34 7.51
C PRO B 107 -25.25 -8.63 7.98
N PRO B 108 -26.29 -9.40 8.29
CA PRO B 108 -27.54 -8.88 8.84
C PRO B 108 -27.32 -8.26 10.23
N LYS B 109 -28.18 -7.33 10.61
CA LYS B 109 -28.06 -6.68 11.92
C LYS B 109 -28.26 -7.67 13.07
N ASP B 110 -28.93 -8.79 12.81
CA ASP B 110 -29.18 -9.75 13.88
C ASP B 110 -28.17 -10.91 13.91
N LEU B 111 -27.10 -10.81 13.11
CA LEU B 111 -26.03 -11.80 13.15
C LEU B 111 -24.95 -11.31 14.09
N ASP B 112 -24.89 -11.89 15.29
CA ASP B 112 -24.07 -11.34 16.35
C ASP B 112 -22.59 -11.59 16.09
N VAL B 113 -22.27 -12.81 15.72
CA VAL B 113 -20.88 -13.21 15.50
C VAL B 113 -20.74 -13.96 14.19
N PHE B 114 -19.76 -13.60 13.37
CA PHE B 114 -19.70 -14.22 12.04
C PHE B 114 -18.28 -14.29 11.49
N VAL B 115 -17.99 -15.37 10.78
CA VAL B 115 -16.70 -15.61 10.16
C VAL B 115 -16.77 -15.26 8.70
N PHE B 116 -15.84 -14.42 8.24
CA PHE B 116 -15.88 -13.96 6.86
C PHE B 116 -14.51 -13.90 6.25
N ASP B 117 -14.51 -13.91 4.92
CA ASP B 117 -13.29 -13.76 4.14
C ASP B 117 -12.81 -12.31 4.26
N ALA B 118 -11.53 -12.14 4.63
CA ALA B 118 -10.99 -10.83 4.89
C ALA B 118 -10.95 -9.96 3.63
N VAL B 119 -11.21 -10.53 2.45
CA VAL B 119 -11.30 -9.64 1.28
C VAL B 119 -12.40 -8.58 1.52
N TYR B 120 -13.40 -8.90 2.35
CA TYR B 120 -14.50 -7.98 2.67
C TYR B 120 -14.27 -7.12 3.90
N LEU B 121 -13.12 -7.27 4.56
CA LEU B 121 -12.88 -6.54 5.79
C LEU B 121 -13.02 -5.01 5.61
N SER B 122 -12.33 -4.46 4.63
CA SER B 122 -12.38 -3.00 4.39
C SER B 122 -13.80 -2.53 4.13
N HIS B 123 -14.56 -3.33 3.37
CA HIS B 123 -15.94 -3.00 3.09
C HIS B 123 -16.78 -2.95 4.36
N PHE B 124 -16.63 -3.99 5.18
CA PHE B 124 -17.42 -4.12 6.39
C PHE B 124 -17.13 -3.00 7.38
N VAL B 125 -15.86 -2.60 7.48
CA VAL B 125 -15.47 -1.53 8.39
C VAL B 125 -15.94 -0.17 7.86
N LYS B 126 -15.79 0.00 6.55
CA LYS B 126 -16.29 1.20 5.89
C LYS B 126 -17.76 1.43 6.22
N GLU B 127 -18.54 0.37 6.08
CA GLU B 127 -19.98 0.40 6.36
C GLU B 127 -20.29 0.43 7.85
N GLY B 128 -19.26 0.27 8.66
CA GLY B 128 -19.43 0.31 10.10
C GLY B 128 -20.17 -0.89 10.64
N TYR B 129 -19.96 -2.05 10.04
CA TYR B 129 -20.63 -3.28 10.50
C TYR B 129 -19.94 -3.91 11.70
N LEU B 130 -18.66 -3.59 11.88
CA LEU B 130 -17.82 -4.34 12.81
C LEU B 130 -17.45 -3.55 14.05
N SER B 131 -17.67 -4.16 15.20
CA SER B 131 -17.20 -3.54 16.42
C SER B 131 -15.68 -3.68 16.53
N GLU B 132 -15.04 -2.67 17.12
CA GLU B 132 -13.63 -2.81 17.45
C GLU B 132 -13.49 -3.92 18.46
N ILE B 133 -12.36 -4.62 18.41
CA ILE B 133 -12.04 -5.61 19.43
C ILE B 133 -10.79 -5.13 20.16
N PRO B 134 -10.96 -4.67 21.40
CA PRO B 134 -9.83 -4.17 22.18
C PRO B 134 -8.77 -5.25 22.31
N GLU B 135 -7.50 -4.89 22.12
CA GLU B 135 -6.46 -5.90 22.10
C GLU B 135 -6.41 -6.72 23.38
N LYS B 136 -6.84 -6.15 24.50
CA LYS B 136 -6.91 -6.89 25.76
C LYS B 136 -8.00 -7.98 25.72
N ASP B 137 -8.96 -7.82 24.81
CA ASP B 137 -10.04 -8.78 24.65
C ASP B 137 -9.73 -9.91 23.67
N ILE B 138 -8.50 -9.96 23.17
CA ILE B 138 -8.10 -11.08 22.33
C ILE B 138 -7.20 -12.01 23.14
N LYS B 139 -7.73 -13.19 23.50
CA LYS B 139 -6.97 -14.15 24.31
C LYS B 139 -5.75 -14.67 23.55
N ASN B 140 -4.59 -14.68 24.22
CA ASN B 140 -3.36 -15.23 23.66
C ASN B 140 -2.95 -14.66 22.32
N LYS B 141 -3.07 -13.35 22.18
CA LYS B 141 -2.90 -12.69 20.88
C LYS B 141 -1.52 -12.94 20.26
N GLU B 142 -0.50 -13.14 21.09
CA GLU B 142 0.85 -13.30 20.55
C GLU B 142 1.07 -14.68 19.94
N ASP B 143 0.12 -15.59 20.15
CA ASP B 143 0.15 -16.95 19.56
C ASP B 143 -0.41 -16.91 18.13
N ILE B 144 -0.99 -15.78 17.76
CA ILE B 144 -1.58 -15.66 16.43
C ILE B 144 -0.55 -15.15 15.45
N LEU B 145 -0.54 -15.75 14.25
CA LEU B 145 0.41 -15.36 13.20
C LEU B 145 0.24 -13.86 12.91
N PRO B 146 1.35 -13.11 13.02
CA PRO B 146 1.31 -11.65 12.94
C PRO B 146 0.67 -11.10 11.68
N PHE B 147 1.07 -11.60 10.50
CA PHE B 147 0.53 -11.07 9.26
C PHE B 147 -1.00 -11.19 9.23
N ALA B 148 -1.55 -12.20 9.89
CA ALA B 148 -3.00 -12.41 9.90
C ALA B 148 -3.71 -11.47 10.87
N MET B 149 -3.13 -11.30 12.06
CA MET B 149 -3.67 -10.37 13.05
C MET B 149 -3.54 -8.94 12.54
N GLU B 150 -2.42 -8.62 11.91
CA GLU B 150 -2.23 -7.30 11.32
C GLU B 150 -3.19 -7.05 10.16
N GLY B 151 -3.43 -8.07 9.35
CA GLY B 151 -4.40 -7.94 8.27
C GLY B 151 -5.81 -7.65 8.76
N CYS B 152 -6.06 -7.88 10.06
CA CYS B 152 -7.36 -7.63 10.67
C CYS B 152 -7.39 -6.33 11.45
N THR B 153 -6.29 -5.59 11.37
CA THR B 153 -6.08 -4.40 12.19
C THR B 153 -6.02 -3.16 11.33
N ILE B 154 -6.90 -2.21 11.62
CA ILE B 154 -7.00 -0.99 10.83
C ILE B 154 -6.80 0.24 11.70
N LYS B 155 -5.81 1.06 11.34
CA LYS B 155 -5.47 2.29 12.07
C LYS B 155 -5.33 2.02 13.57
N GLY B 156 -4.62 0.95 13.91
CA GLY B 156 -4.35 0.60 15.30
C GLY B 156 -5.45 -0.21 15.99
N SER B 157 -6.57 -0.40 15.31
CA SER B 157 -7.70 -1.13 15.90
C SER B 157 -8.00 -2.44 15.19
N ALA B 158 -8.13 -3.52 15.97
CA ALA B 158 -8.54 -4.81 15.43
C ALA B 158 -10.05 -4.87 15.25
N TYR B 159 -10.49 -5.37 14.10
CA TYR B 159 -11.92 -5.47 13.81
C TYR B 159 -12.37 -6.90 13.60
N ALA B 160 -11.42 -7.82 13.67
CA ALA B 160 -11.71 -9.25 13.59
C ALA B 160 -10.58 -10.07 14.19
N ILE B 161 -10.85 -11.34 14.47
CA ILE B 161 -9.83 -12.28 14.90
C ILE B 161 -9.67 -13.39 13.85
N PRO B 162 -8.46 -13.55 13.32
CA PRO B 162 -8.23 -14.55 12.28
C PRO B 162 -8.48 -15.97 12.79
N GLN B 163 -9.14 -16.80 11.99
CA GLN B 163 -9.43 -18.19 12.33
C GLN B 163 -8.73 -19.16 11.39
N ILE B 164 -8.85 -18.90 10.08
CA ILE B 164 -8.26 -19.77 9.07
C ILE B 164 -7.46 -18.94 8.08
N ILE B 165 -6.34 -19.48 7.60
CA ILE B 165 -5.72 -18.92 6.41
C ILE B 165 -5.63 -19.96 5.31
N SER B 166 -5.46 -19.48 4.10
CA SER B 166 -5.56 -20.35 2.97
C SER B 166 -4.83 -19.80 1.77
N THR B 167 -4.15 -20.68 1.06
CA THR B 167 -3.52 -20.28 -0.19
C THR B 167 -3.50 -21.43 -1.18
N ASN B 168 -3.41 -21.10 -2.47
CA ASN B 168 -3.18 -22.12 -3.47
C ASN B 168 -1.74 -22.60 -3.37
N LEU B 169 -1.54 -23.91 -3.53
CA LEU B 169 -0.20 -24.48 -3.53
C LEU B 169 0.04 -25.23 -4.84
N LEU B 170 1.29 -25.32 -5.24
CA LEU B 170 1.67 -26.25 -6.30
C LEU B 170 1.87 -27.63 -5.68
N PHE B 171 0.99 -28.58 -6.02
CA PHE B 171 1.15 -29.96 -5.55
C PHE B 171 1.88 -30.79 -6.62
N SER B 172 2.86 -31.57 -6.19
CA SER B 172 3.58 -32.47 -7.07
C SER B 172 3.81 -33.85 -6.40
N ARG B 173 4.05 -34.87 -7.19
CA ARG B 173 4.26 -36.20 -6.62
C ARG B 173 5.71 -36.25 -6.13
N LYS B 174 5.91 -36.87 -4.97
CA LYS B 174 7.25 -37.03 -4.42
C LYS B 174 8.14 -37.72 -5.43
N GLY B 175 9.35 -37.18 -5.60
CA GLY B 175 10.32 -37.72 -6.53
C GLY B 175 10.31 -37.01 -7.87
N ASP B 176 9.27 -36.22 -8.13
CA ASP B 176 9.16 -35.46 -9.38
C ASP B 176 9.94 -34.15 -9.17
N TYR B 177 11.26 -34.27 -9.17
CA TYR B 177 12.12 -33.16 -8.74
C TYR B 177 12.09 -31.93 -9.66
N ASP B 178 11.98 -32.18 -10.97
CA ASP B 178 11.83 -31.11 -11.95
C ASP B 178 10.70 -30.13 -11.60
N ILE B 179 9.54 -30.67 -11.26
CA ILE B 179 8.41 -29.84 -10.87
C ILE B 179 8.67 -29.18 -9.51
N GLN B 180 9.21 -29.94 -8.59
CA GLN B 180 9.47 -29.43 -7.26
C GLN B 180 10.38 -28.20 -7.27
N LYS B 181 11.18 -28.05 -8.33
CA LYS B 181 12.08 -26.91 -8.44
C LYS B 181 11.44 -25.69 -9.13
N VAL B 182 10.18 -25.81 -9.51
CA VAL B 182 9.45 -24.68 -10.10
C VAL B 182 9.27 -23.55 -9.08
N ASN B 183 9.49 -22.31 -9.48
CA ASN B 183 9.21 -21.18 -8.58
C ASN B 183 8.07 -20.30 -9.03
N SER B 184 7.68 -20.40 -10.29
CA SER B 184 6.66 -19.49 -10.78
C SER B 184 5.84 -20.16 -11.86
N VAL B 185 4.74 -19.54 -12.28
CA VAL B 185 3.89 -20.16 -13.29
C VAL B 185 4.65 -20.21 -14.61
N TYR B 186 5.64 -19.34 -14.74
CA TYR B 186 6.47 -19.28 -15.94
C TYR B 186 7.49 -20.44 -15.98
N ASP B 187 8.09 -20.75 -14.83
CA ASP B 187 8.88 -21.97 -14.70
C ASP B 187 8.05 -23.20 -15.02
N LEU B 188 6.85 -23.21 -14.46
CA LEU B 188 5.95 -24.32 -14.63
C LEU B 188 5.61 -24.49 -16.12
N TYR B 189 5.37 -23.37 -16.81
CA TYR B 189 5.01 -23.42 -18.22
C TYR B 189 6.12 -23.99 -19.09
N ASP B 190 7.37 -23.60 -18.81
CA ASP B 190 8.55 -24.16 -19.47
C ASP B 190 8.66 -25.66 -19.29
N LYS B 191 8.13 -26.17 -18.20
CA LYS B 191 8.22 -27.59 -17.92
C LYS B 191 6.99 -28.34 -18.45
N LEU B 192 5.80 -27.75 -18.38
CA LEU B 192 4.57 -28.43 -18.76
C LEU B 192 4.16 -28.19 -20.21
N GLY B 193 4.38 -27.00 -20.72
CA GLY B 193 3.89 -26.62 -22.03
C GLY B 193 2.38 -26.51 -22.09
N LYS B 194 1.85 -26.29 -23.29
CA LYS B 194 0.42 -26.14 -23.51
C LYS B 194 -0.27 -27.50 -23.42
N PHE B 195 -1.48 -27.50 -22.90
CA PHE B 195 -2.34 -28.64 -23.08
C PHE B 195 -3.53 -28.17 -23.90
N THR B 196 -3.52 -28.52 -25.17
CA THR B 196 -4.54 -28.00 -26.06
C THR B 196 -5.55 -29.10 -26.36
N SER B 197 -6.46 -29.31 -25.43
CA SER B 197 -7.44 -30.37 -25.56
C SER B 197 -8.73 -30.02 -24.84
N GLU B 198 -9.83 -30.61 -25.27
CA GLU B 198 -11.12 -30.33 -24.64
C GLU B 198 -11.48 -31.44 -23.66
N ASP B 199 -10.51 -32.30 -23.37
CA ASP B 199 -10.69 -33.31 -22.34
C ASP B 199 -10.88 -32.66 -20.97
N ILE B 200 -11.84 -33.19 -20.21
CA ILE B 200 -12.02 -32.77 -18.83
C ILE B 200 -11.00 -33.50 -17.95
N ILE B 201 -10.87 -34.81 -18.15
CA ILE B 201 -9.89 -35.56 -17.37
C ILE B 201 -8.58 -35.64 -18.14
N LEU B 202 -7.55 -35.09 -17.54
CA LEU B 202 -6.24 -34.97 -18.15
C LEU B 202 -5.60 -36.36 -18.29
N PRO B 203 -4.57 -36.48 -19.15
CA PRO B 203 -3.87 -37.77 -19.25
C PRO B 203 -2.98 -38.07 -18.05
N ASN B 204 -2.62 -39.34 -17.91
CA ASN B 204 -1.64 -39.77 -16.92
C ASN B 204 -0.38 -38.91 -17.00
N ASN B 205 -0.02 -38.31 -15.86
CA ASN B 205 1.18 -37.49 -15.71
C ASN B 205 1.34 -36.37 -16.74
N LYS B 206 0.26 -35.76 -17.18
CA LYS B 206 0.36 -34.73 -18.20
C LYS B 206 -0.55 -33.55 -17.93
N GLY B 207 -0.01 -32.34 -18.03
CA GLY B 207 -0.83 -31.16 -17.88
C GLY B 207 -1.02 -30.70 -16.45
N LEU B 208 -1.65 -29.53 -16.31
CA LEU B 208 -1.90 -28.95 -15.01
C LEU B 208 -3.35 -29.10 -14.58
N LEU B 209 -3.59 -29.76 -13.45
CA LEU B 209 -4.89 -29.73 -12.82
C LEU B 209 -5.05 -28.45 -12.00
N ILE B 210 -6.11 -27.72 -12.29
CA ILE B 210 -6.40 -26.51 -11.55
C ILE B 210 -7.85 -26.06 -11.79
N ASP B 211 -8.53 -25.64 -10.72
CA ASP B 211 -9.90 -25.18 -10.84
C ASP B 211 -9.95 -23.67 -11.09
N MET B 212 -10.14 -23.28 -12.35
CA MET B 212 -10.32 -21.87 -12.68
C MET B 212 -11.75 -21.60 -13.11
N SER B 213 -12.69 -22.38 -12.60
CA SER B 213 -14.09 -22.25 -13.04
C SER B 213 -14.81 -21.07 -12.39
N GLY B 214 -14.44 -20.71 -11.16
CA GLY B 214 -15.15 -19.64 -10.48
C GLY B 214 -14.84 -18.25 -11.02
N GLY B 215 -15.88 -17.43 -11.19
CA GLY B 215 -15.68 -16.08 -11.68
C GLY B 215 -14.97 -15.24 -10.64
N THR B 216 -15.47 -15.30 -9.41
CA THR B 216 -14.88 -14.57 -8.30
C THR B 216 -13.45 -15.00 -8.05
N SER B 217 -13.22 -16.30 -8.14
CA SER B 217 -11.89 -16.85 -7.91
C SER B 217 -10.87 -16.34 -8.93
N LYS B 218 -11.28 -16.22 -10.18
CA LYS B 218 -10.38 -15.75 -11.22
C LYS B 218 -10.02 -14.27 -11.01
N ALA B 219 -10.99 -13.50 -10.53
CA ALA B 219 -10.78 -12.08 -10.30
C ALA B 219 -9.75 -11.89 -9.20
N CYS B 220 -9.88 -12.70 -8.16
CA CYS B 220 -8.94 -12.69 -7.03
C CYS B 220 -7.55 -13.16 -7.47
N MET B 221 -7.52 -14.14 -8.38
CA MET B 221 -6.25 -14.59 -8.91
C MET B 221 -5.57 -13.44 -9.65
N TYR B 222 -6.37 -12.65 -10.36
CA TYR B 222 -5.84 -11.48 -11.07
C TYR B 222 -5.22 -10.48 -10.08
N LEU B 223 -5.92 -10.22 -8.98
CA LEU B 223 -5.40 -9.34 -7.94
C LEU B 223 -4.08 -9.87 -7.40
N ASP B 224 -4.02 -11.17 -7.12
CA ASP B 224 -2.78 -11.81 -6.66
C ASP B 224 -1.68 -11.65 -7.70
N SER B 225 -2.03 -11.87 -8.96
CA SER B 225 -1.06 -11.74 -10.04
C SER B 225 -0.53 -10.29 -10.19
N LEU B 226 -1.38 -9.32 -9.92
CA LEU B 226 -0.95 -7.93 -9.95
C LEU B 226 0.11 -7.68 -8.88
N ILE B 227 -0.12 -8.21 -7.69
CA ILE B 227 0.82 -8.04 -6.60
C ILE B 227 2.21 -8.66 -6.92
N ASP B 228 2.22 -9.86 -7.49
CA ASP B 228 3.48 -10.50 -7.89
C ASP B 228 4.13 -9.80 -9.07
N THR B 229 3.31 -9.34 -10.01
CA THR B 229 3.78 -8.70 -11.23
C THR B 229 4.39 -7.33 -10.93
N THR B 230 3.73 -6.56 -10.07
CA THR B 230 4.21 -5.23 -9.70
C THR B 230 5.24 -5.32 -8.58
N GLN B 231 5.33 -6.48 -7.94
CA GLN B 231 6.22 -6.69 -6.81
C GLN B 231 5.89 -5.75 -5.66
N GLU B 232 4.64 -5.36 -5.55
CA GLU B 232 4.22 -4.50 -4.43
C GLU B 232 2.97 -5.04 -3.77
N TYR B 233 3.06 -5.35 -2.48
CA TYR B 233 1.85 -5.71 -1.76
C TYR B 233 0.97 -4.46 -1.58
N THR B 234 -0.33 -4.64 -1.79
CA THR B 234 -1.29 -3.56 -1.60
C THR B 234 -2.57 -4.15 -1.03
N LYS B 235 -3.34 -3.35 -0.30
CA LYS B 235 -4.64 -3.79 0.20
C LYS B 235 -5.74 -3.35 -0.78
N PHE B 236 -5.32 -2.80 -1.92
CA PHE B 236 -6.25 -2.40 -2.97
C PHE B 236 -7.40 -1.50 -2.47
N CYS B 237 -7.07 -0.51 -1.64
N CYS B 237 -7.06 -0.52 -1.64
CA CYS B 237 -8.06 0.47 -1.18
CA CYS B 237 -8.02 0.48 -1.17
C CYS B 237 -8.78 1.03 -2.40
C CYS B 237 -8.77 1.04 -2.39
N SER B 238 -8.03 1.29 -3.46
CA SER B 238 -8.62 1.52 -4.78
C SER B 238 -8.39 0.29 -5.63
N LEU B 239 -9.47 -0.26 -6.16
CA LEU B 239 -9.37 -1.49 -6.93
C LEU B 239 -8.96 -1.17 -8.36
N PRO B 240 -8.26 -2.10 -9.01
CA PRO B 240 -7.68 -1.87 -10.33
C PRO B 240 -8.68 -1.44 -11.39
N ASN B 241 -8.16 -0.72 -12.38
CA ASN B 241 -8.95 -0.26 -13.53
C ASN B 241 -9.12 -1.41 -14.51
N LEU B 242 -10.37 -1.75 -14.79
CA LEU B 242 -10.64 -2.91 -15.62
C LEU B 242 -10.66 -2.61 -17.13
N ASN B 243 -10.44 -1.37 -17.47
CA ASN B 243 -10.41 -0.96 -18.83
C ASN B 243 -8.99 -1.09 -19.29
N GLU B 244 -8.05 -1.05 -18.35
CA GLU B 244 -6.61 -1.12 -18.59
C GLU B 244 -6.01 -2.29 -17.82
N LEU B 245 -6.24 -3.50 -18.32
CA LEU B 245 -5.65 -4.68 -17.69
C LEU B 245 -4.14 -4.67 -17.86
N ASN B 246 -3.43 -4.93 -16.77
CA ASN B 246 -2.01 -5.15 -16.84
C ASN B 246 -1.78 -6.42 -17.65
N LYS B 247 -1.11 -6.28 -18.79
CA LYS B 247 -0.98 -7.39 -19.73
C LYS B 247 -0.18 -8.56 -19.13
N ASP B 248 0.89 -8.24 -18.42
CA ASP B 248 1.73 -9.26 -17.83
C ASP B 248 1.02 -10.02 -16.71
N ALA B 249 0.26 -9.28 -15.88
CA ALA B 249 -0.49 -9.88 -14.79
C ALA B 249 -1.59 -10.82 -15.30
N ILE B 250 -2.30 -10.41 -16.34
CA ILE B 250 -3.34 -11.27 -16.90
C ILE B 250 -2.70 -12.40 -17.69
N GLU B 251 -1.52 -12.15 -18.26
CA GLU B 251 -0.82 -13.19 -18.98
C GLU B 251 -0.58 -14.45 -18.12
N SER B 252 -0.41 -14.28 -16.83
CA SER B 252 -0.22 -15.40 -15.91
C SER B 252 -1.42 -16.34 -15.85
N LEU B 253 -2.62 -15.76 -15.85
CA LEU B 253 -3.86 -16.53 -15.91
C LEU B 253 -4.02 -17.19 -17.28
N VAL B 254 -3.65 -16.47 -18.34
CA VAL B 254 -3.68 -17.08 -19.66
C VAL B 254 -2.77 -18.32 -19.64
N LEU B 255 -1.60 -18.19 -19.04
CA LEU B 255 -0.64 -19.29 -19.04
C LEU B 255 -1.17 -20.50 -18.26
N LEU B 256 -1.77 -20.22 -17.10
CA LEU B 256 -2.34 -21.26 -16.26
C LEU B 256 -3.39 -22.07 -17.04
N GLN B 257 -4.30 -21.36 -17.70
CA GLN B 257 -5.37 -22.00 -18.45
C GLN B 257 -4.79 -22.78 -19.65
N SER B 258 -3.74 -22.26 -20.28
CA SER B 258 -3.18 -22.96 -21.43
C SER B 258 -2.51 -24.27 -20.99
N MET B 259 -1.95 -24.30 -19.78
CA MET B 259 -1.36 -25.53 -19.24
C MET B 259 -2.43 -26.53 -18.84
N ALA B 260 -3.63 -26.02 -18.59
CA ALA B 260 -4.72 -26.87 -18.12
C ALA B 260 -5.60 -27.39 -19.24
N GLY B 261 -5.64 -26.68 -20.37
CA GLY B 261 -6.71 -26.85 -21.34
C GLY B 261 -7.91 -26.04 -20.86
N LYS B 262 -8.59 -25.35 -21.77
CA LYS B 262 -9.70 -24.47 -21.38
C LYS B 262 -10.87 -25.25 -20.78
N SER B 263 -11.12 -26.44 -21.30
CA SER B 263 -12.22 -27.26 -20.79
C SER B 263 -11.99 -27.71 -19.34
N GLN B 264 -10.80 -28.19 -18.99
CA GLN B 264 -10.59 -28.64 -17.62
C GLN B 264 -10.45 -27.44 -16.67
N ALA B 265 -9.79 -26.38 -17.11
CA ALA B 265 -9.64 -25.19 -16.29
C ALA B 265 -11.00 -24.62 -15.89
N ASN B 266 -11.96 -24.66 -16.79
CA ASN B 266 -13.24 -24.05 -16.49
C ASN B 266 -14.31 -25.05 -16.04
N TYR B 267 -13.89 -26.26 -15.70
CA TYR B 267 -14.84 -27.31 -15.34
C TYR B 267 -15.33 -27.24 -13.90
N TRP B 268 -16.64 -27.35 -13.75
CA TRP B 268 -17.24 -27.55 -12.44
C TRP B 268 -18.14 -28.78 -12.50
N PRO B 269 -17.90 -29.76 -11.61
CA PRO B 269 -18.60 -31.04 -11.69
C PRO B 269 -20.07 -30.97 -11.31
N GLU B 270 -20.91 -31.70 -12.03
CA GLU B 270 -22.34 -31.73 -11.79
C GLU B 270 -22.69 -32.16 -10.36
N ASN B 271 -21.82 -32.94 -9.72
CA ASN B 271 -22.07 -33.36 -8.34
C ASN B 271 -21.50 -32.43 -7.26
N ASN B 272 -20.96 -31.27 -7.67
CA ASN B 272 -20.47 -30.26 -6.75
C ASN B 272 -19.30 -30.69 -5.84
N ASP B 273 -18.53 -31.68 -6.28
CA ASP B 273 -17.30 -32.09 -5.59
C ASP B 273 -16.19 -31.03 -5.81
N SER B 274 -15.98 -30.18 -4.81
CA SER B 274 -15.00 -29.09 -4.91
C SER B 274 -13.55 -29.56 -5.01
N TYR B 275 -13.31 -30.84 -4.69
CA TYR B 275 -11.95 -31.36 -4.64
C TYR B 275 -11.76 -32.54 -5.60
N ILE B 276 -12.52 -32.55 -6.69
CA ILE B 276 -12.52 -33.71 -7.56
C ILE B 276 -11.15 -33.86 -8.26
N ARG B 277 -10.50 -32.73 -8.56
CA ARG B 277 -9.17 -32.78 -9.20
C ARG B 277 -8.12 -33.41 -8.29
N ALA B 278 -8.25 -33.23 -6.98
CA ALA B 278 -7.30 -33.84 -6.03
C ALA B 278 -7.35 -35.36 -6.12
N LYS B 279 -8.54 -35.90 -6.33
CA LYS B 279 -8.77 -37.34 -6.52
C LYS B 279 -8.17 -37.85 -7.83
N TRP B 280 -8.39 -37.10 -8.90
CA TRP B 280 -7.77 -37.45 -10.18
C TRP B 280 -6.25 -37.45 -10.06
N PHE B 281 -5.72 -36.47 -9.33
CA PHE B 281 -4.29 -36.30 -9.20
C PHE B 281 -3.64 -37.52 -8.51
N ILE B 282 -4.23 -37.97 -7.40
CA ILE B 282 -3.68 -39.12 -6.69
C ILE B 282 -3.86 -40.41 -7.52
N ASN B 283 -4.85 -40.40 -8.41
CA ASN B 283 -5.03 -41.49 -9.37
C ASN B 283 -4.17 -41.39 -10.61
N GLY B 284 -3.22 -40.45 -10.61
CA GLY B 284 -2.25 -40.36 -11.67
C GLY B 284 -2.52 -39.36 -12.79
N LYS B 285 -3.65 -38.68 -12.75
CA LYS B 285 -3.98 -37.72 -13.82
C LYS B 285 -3.23 -36.40 -13.63
N GLY B 286 -2.68 -35.88 -14.72
CA GLY B 286 -1.96 -34.62 -14.67
C GLY B 286 -0.54 -34.78 -14.16
N ARG B 287 0.27 -33.77 -14.45
CA ARG B 287 1.65 -33.74 -14.02
C ARG B 287 1.74 -33.00 -12.68
N ALA B 288 0.82 -32.05 -12.48
CA ALA B 288 0.81 -31.23 -11.27
C ALA B 288 -0.59 -30.77 -10.98
N TYR B 289 -0.79 -30.31 -9.75
CA TYR B 289 -2.09 -29.88 -9.29
C TYR B 289 -1.91 -28.64 -8.45
N ILE B 290 -2.66 -27.61 -8.82
CA ILE B 290 -2.71 -26.39 -8.02
C ILE B 290 -4.08 -26.27 -7.35
N GLY B 291 -4.08 -26.12 -6.02
CA GLY B 291 -5.31 -26.04 -5.25
C GLY B 291 -4.99 -25.62 -3.83
N TYR B 292 -6.03 -25.46 -3.02
CA TYR B 292 -5.85 -25.05 -1.64
C TYR B 292 -5.31 -26.18 -0.80
N THR B 293 -4.71 -25.84 0.35
CA THR B 293 -4.16 -26.84 1.24
C THR B 293 -5.19 -27.89 1.62
N GLU B 294 -6.43 -27.45 1.83
CA GLU B 294 -7.44 -28.35 2.35
C GLU B 294 -7.83 -29.44 1.34
N ALA B 295 -7.32 -29.31 0.11
CA ALA B 295 -7.51 -30.35 -0.90
C ALA B 295 -6.90 -31.67 -0.44
N MET B 296 -5.91 -31.61 0.44
CA MET B 296 -5.30 -32.84 0.94
C MET B 296 -6.24 -33.67 1.77
N SER B 297 -7.35 -33.08 2.20
CA SER B 297 -8.36 -33.83 2.94
C SER B 297 -8.98 -34.93 2.10
N GLN B 298 -8.96 -34.76 0.78
CA GLN B 298 -9.51 -35.79 -0.08
C GLN B 298 -8.43 -36.66 -0.68
N MET B 299 -7.18 -36.39 -0.33
CA MET B 299 -6.11 -37.19 -0.87
C MET B 299 -5.88 -38.41 0.01
N LYS B 300 -6.52 -38.43 1.17
CA LYS B 300 -6.45 -39.63 2.02
C LYS B 300 -5.01 -40.05 2.35
N GLU B 301 -4.75 -41.36 2.29
CA GLU B 301 -3.44 -41.88 2.64
C GLU B 301 -2.38 -41.44 1.62
N PHE B 302 -2.84 -41.06 0.42
CA PHE B 302 -1.90 -40.64 -0.62
C PHE B 302 -1.28 -39.24 -0.39
N ALA B 303 -1.90 -38.46 0.50
CA ALA B 303 -1.35 -37.17 0.94
C ALA B 303 0.12 -37.24 1.36
N ASN B 304 0.54 -38.39 1.88
CA ASN B 304 1.91 -38.61 2.31
C ASN B 304 2.88 -38.78 1.15
N ASP B 305 2.34 -38.92 -0.06
CA ASP B 305 3.21 -39.09 -1.23
C ASP B 305 3.26 -37.83 -2.08
N ILE B 306 2.75 -36.73 -1.54
CA ILE B 306 2.68 -35.48 -2.30
C ILE B 306 3.59 -34.41 -1.68
N ASP B 307 4.19 -33.59 -2.53
CA ASP B 307 4.90 -32.39 -2.08
C ASP B 307 4.08 -31.17 -2.42
N PHE B 308 4.28 -30.08 -1.66
CA PHE B 308 3.59 -28.84 -1.96
C PHE B 308 4.48 -27.64 -1.69
N LYS B 309 4.27 -26.59 -2.46
CA LYS B 309 5.00 -25.34 -2.27
C LYS B 309 4.17 -24.20 -2.84
N THR B 310 4.47 -22.98 -2.42
CA THR B 310 3.88 -21.79 -3.06
C THR B 310 4.70 -21.43 -4.27
N ILE B 311 4.05 -20.87 -5.28
CA ILE B 311 4.76 -20.36 -6.43
C ILE B 311 4.25 -18.97 -6.81
N SER B 312 5.07 -18.24 -7.56
CA SER B 312 4.71 -16.88 -7.96
C SER B 312 3.84 -16.88 -9.20
N LEU B 313 2.95 -15.89 -9.28
CA LEU B 313 2.18 -15.68 -10.50
C LEU B 313 2.99 -14.85 -11.49
N SER B 314 4.16 -14.37 -11.07
CA SER B 314 5.02 -13.59 -11.98
C SER B 314 6.42 -14.19 -12.11
N LYS B 315 7.23 -13.61 -13.00
CA LYS B 315 8.62 -14.04 -13.13
C LYS B 315 9.50 -13.61 -11.94
N ASN B 316 8.98 -12.73 -11.08
CA ASN B 316 9.72 -12.30 -9.91
C ASN B 316 9.36 -13.07 -8.66
N SER B 317 10.10 -12.79 -7.59
CA SER B 317 9.89 -13.51 -6.34
C SER B 317 8.44 -13.43 -5.85
N ASN B 318 7.93 -14.56 -5.37
CA ASN B 318 6.56 -14.67 -4.91
C ASN B 318 6.29 -13.76 -3.73
N ILE B 319 5.20 -12.99 -3.79
CA ILE B 319 4.66 -12.39 -2.57
C ILE B 319 3.51 -13.28 -2.14
N PRO B 320 3.72 -14.07 -1.06
CA PRO B 320 2.76 -15.12 -0.71
C PRO B 320 1.51 -14.53 -0.07
N ILE B 321 0.41 -14.57 -0.79
CA ILE B 321 -0.84 -14.01 -0.31
C ILE B 321 -1.75 -15.11 0.21
N PHE B 322 -2.34 -14.88 1.39
CA PHE B 322 -3.25 -15.83 2.00
C PHE B 322 -4.62 -15.22 2.20
N TYR B 323 -5.67 -15.92 1.76
CA TYR B 323 -7.00 -15.61 2.22
C TYR B 323 -7.03 -15.74 3.74
N GLY B 324 -7.81 -14.87 4.38
CA GLY B 324 -8.05 -14.98 5.80
C GLY B 324 -9.54 -15.16 6.03
N ASP B 325 -9.91 -16.18 6.78
CA ASP B 325 -11.28 -16.29 7.26
C ASP B 325 -11.24 -15.85 8.71
N VAL B 326 -11.96 -14.77 8.99
CA VAL B 326 -11.77 -14.03 10.23
C VAL B 326 -13.13 -13.80 10.87
N VAL B 327 -13.15 -13.75 12.20
CA VAL B 327 -14.39 -13.65 12.95
C VAL B 327 -14.64 -12.22 13.43
N GLY B 328 -15.84 -11.72 13.14
CA GLY B 328 -16.19 -10.36 13.48
C GLY B 328 -17.34 -10.31 14.45
N ILE B 329 -17.51 -9.17 15.09
CA ILE B 329 -18.59 -8.97 16.05
C ILE B 329 -19.42 -7.81 15.58
N ASN B 330 -20.73 -8.02 15.53
CA ASN B 330 -21.65 -7.04 14.98
C ASN B 330 -21.69 -5.76 15.79
N SER B 331 -21.52 -4.64 15.10
CA SER B 331 -21.59 -3.32 15.71
C SER B 331 -22.98 -2.99 16.22
N SER B 332 -23.97 -3.77 15.82
CA SER B 332 -25.33 -3.50 16.25
C SER B 332 -25.51 -3.75 17.75
N ILE B 333 -24.66 -4.59 18.31
CA ILE B 333 -24.76 -4.91 19.72
C ILE B 333 -24.28 -3.73 20.58
N THR B 334 -25.19 -3.16 21.37
CA THR B 334 -24.84 -2.04 22.24
C THR B 334 -24.98 -2.45 23.70
N ASN B 335 -25.69 -3.54 23.93
CA ASN B 335 -25.79 -4.08 25.28
C ASN B 335 -24.45 -4.66 25.73
N SER B 336 -23.93 -4.17 26.84
CA SER B 336 -22.59 -4.54 27.27
C SER B 336 -22.44 -6.02 27.67
N TYR B 337 -23.49 -6.60 28.23
CA TYR B 337 -23.46 -8.02 28.55
C TYR B 337 -23.42 -8.85 27.26
N LYS B 338 -24.22 -8.46 26.28
CA LYS B 338 -24.27 -9.23 25.05
C LYS B 338 -22.94 -9.09 24.30
N LYS B 339 -22.41 -7.87 24.23
CA LYS B 339 -21.12 -7.65 23.61
C LYS B 339 -20.02 -8.54 24.23
N GLU B 340 -20.06 -8.66 25.55
CA GLU B 340 -19.05 -9.42 26.28
C GLU B 340 -19.17 -10.91 25.96
N LYS B 341 -20.40 -11.38 25.74
CA LYS B 341 -20.59 -12.77 25.39
C LYS B 341 -20.16 -13.00 23.94
N ALA B 342 -20.41 -12.03 23.07
CA ALA B 342 -20.05 -12.14 21.66
C ALA B 342 -18.54 -12.19 21.52
N ILE B 343 -17.84 -11.37 22.30
CA ILE B 343 -16.39 -11.33 22.28
C ILE B 343 -15.90 -12.68 22.77
N GLU B 344 -16.61 -13.23 23.75
CA GLU B 344 -16.26 -14.52 24.29
C GLU B 344 -16.43 -15.61 23.23
N LEU B 345 -17.55 -15.58 22.50
CA LEU B 345 -17.78 -16.55 21.42
C LEU B 345 -16.72 -16.40 20.32
N ALA B 346 -16.40 -15.15 19.99
CA ALA B 346 -15.38 -14.86 18.98
C ALA B 346 -14.02 -15.50 19.34
N ASN B 347 -13.65 -15.45 20.62
CA ASN B 347 -12.40 -16.07 21.04
C ASN B 347 -12.49 -17.59 20.99
N ILE B 348 -13.61 -18.14 21.44
CA ILE B 348 -13.78 -19.60 21.38
C ILE B 348 -13.71 -20.11 19.95
N ILE B 349 -14.32 -19.39 19.01
CA ILE B 349 -14.26 -19.78 17.61
C ILE B 349 -12.83 -19.79 17.06
N THR B 350 -11.95 -18.94 17.60
CA THR B 350 -10.61 -18.85 17.08
C THR B 350 -9.54 -19.39 18.04
N ASP B 351 -9.94 -20.05 19.12
CA ASP B 351 -8.92 -20.48 20.07
C ASP B 351 -8.37 -21.88 19.74
N LYS B 352 -7.25 -22.20 20.38
CA LYS B 352 -6.50 -23.41 20.08
C LYS B 352 -7.33 -24.69 20.15
N ASN B 353 -8.00 -24.93 21.26
CA ASN B 353 -8.71 -26.19 21.46
C ASN B 353 -9.79 -26.39 20.40
N THR B 354 -10.53 -25.33 20.10
CA THR B 354 -11.59 -25.38 19.09
C THR B 354 -11.05 -25.77 17.73
N MET B 355 -9.94 -25.14 17.33
CA MET B 355 -9.36 -25.38 16.02
C MET B 355 -8.80 -26.80 15.89
N VAL B 356 -8.16 -27.31 16.95
CA VAL B 356 -7.68 -28.69 16.94
C VAL B 356 -8.83 -29.69 16.72
N LYS B 357 -9.91 -29.53 17.48
CA LYS B 357 -11.06 -30.42 17.33
C LYS B 357 -11.72 -30.32 15.96
N ALA B 358 -11.83 -29.10 15.43
CA ALA B 358 -12.48 -28.85 14.13
C ALA B 358 -11.74 -29.49 12.95
N VAL B 359 -10.42 -29.46 13.03
CA VAL B 359 -9.54 -29.82 11.94
C VAL B 359 -9.14 -31.32 11.97
N SER B 360 -9.08 -31.88 13.17
CA SER B 360 -8.64 -33.26 13.35
C SER B 360 -9.68 -34.29 12.91
N PRO B 361 -9.25 -35.54 12.73
CA PRO B 361 -10.23 -36.61 12.54
C PRO B 361 -11.18 -36.71 13.72
N ASP B 362 -12.35 -37.28 13.50
CA ASP B 362 -13.22 -37.63 14.60
C ASP B 362 -13.85 -39.00 14.29
N GLU B 363 -14.92 -39.34 15.00
CA GLU B 363 -15.53 -40.67 14.85
C GLU B 363 -16.08 -40.93 13.45
N ASN B 364 -16.45 -39.87 12.74
CA ASN B 364 -17.04 -40.04 11.42
C ASN B 364 -16.11 -39.65 10.27
N ASN B 365 -14.91 -39.20 10.62
CA ASN B 365 -13.96 -38.68 9.64
C ASN B 365 -12.55 -39.10 10.00
N LYS B 366 -11.89 -39.89 9.17
CA LYS B 366 -10.58 -40.41 9.60
C LYS B 366 -9.37 -39.57 9.16
N TYR B 367 -9.59 -38.55 8.35
CA TYR B 367 -8.47 -37.71 7.92
C TYR B 367 -8.63 -36.26 8.38
N PRO B 368 -7.50 -35.57 8.56
CA PRO B 368 -7.55 -34.15 8.92
C PRO B 368 -8.14 -33.30 7.79
N GLN B 369 -8.68 -32.13 8.12
CA GLN B 369 -9.21 -31.25 7.08
C GLN B 369 -8.08 -30.57 6.32
N TYR B 370 -6.92 -30.48 6.96
CA TYR B 370 -5.75 -29.83 6.38
C TYR B 370 -6.02 -28.37 6.00
N LEU B 371 -6.87 -27.73 6.80
CA LEU B 371 -6.97 -26.28 6.76
C LEU B 371 -5.81 -25.68 7.56
N LEU B 372 -5.39 -24.47 7.22
CA LEU B 372 -4.30 -23.80 7.94
C LEU B 372 -4.85 -22.96 9.07
N PRO B 373 -4.53 -23.33 10.31
CA PRO B 373 -4.89 -22.46 11.44
C PRO B 373 -4.12 -21.14 11.43
N ALA B 374 -4.60 -20.18 12.22
CA ALA B 374 -3.94 -18.89 12.32
C ALA B 374 -3.11 -18.81 13.60
N ARG B 375 -3.13 -19.86 14.42
CA ARG B 375 -2.39 -19.92 15.68
C ARG B 375 -1.25 -20.95 15.66
N ARG B 376 -0.05 -20.55 16.07
CA ARG B 376 1.10 -21.46 16.13
C ARG B 376 0.82 -22.70 16.96
N SER B 377 0.17 -22.52 18.10
CA SER B 377 -0.05 -23.60 19.04
C SER B 377 -0.86 -24.75 18.43
N VAL B 378 -1.73 -24.43 17.47
CA VAL B 378 -2.55 -25.45 16.84
C VAL B 378 -1.67 -26.35 15.97
N TYR B 379 -0.71 -25.75 15.28
CA TYR B 379 0.23 -26.51 14.47
C TYR B 379 1.07 -27.45 15.33
N HIS B 380 1.45 -26.96 16.50
CA HIS B 380 2.27 -27.73 17.41
C HIS B 380 1.50 -28.97 17.87
N ASN B 381 0.26 -28.77 18.28
CA ASN B 381 -0.58 -29.88 18.68
C ASN B 381 -0.80 -30.88 17.54
N LEU B 382 -1.11 -30.39 16.34
CA LEU B 382 -1.38 -31.26 15.21
C LEU B 382 -0.15 -31.92 14.64
N GLY B 383 0.98 -31.22 14.68
CA GLY B 383 2.18 -31.68 14.00
C GLY B 383 2.72 -32.97 14.59
N ASN B 384 2.37 -33.19 15.86
CA ASN B 384 2.71 -34.39 16.60
C ASN B 384 1.98 -35.61 16.04
N LYS B 385 0.66 -35.49 15.89
CA LYS B 385 -0.14 -36.58 15.33
C LYS B 385 0.00 -36.67 13.81
N TYR B 386 -0.09 -35.53 13.12
CA TYR B 386 -0.14 -35.53 11.66
C TYR B 386 0.98 -34.68 11.04
N PRO B 387 2.09 -35.34 10.66
CA PRO B 387 3.35 -34.72 10.24
C PRO B 387 3.24 -33.76 9.06
N ILE B 388 2.15 -33.83 8.32
CA ILE B 388 1.97 -32.91 7.20
C ILE B 388 1.78 -31.49 7.75
N TYR B 389 1.14 -31.39 8.91
CA TYR B 389 0.97 -30.12 9.59
C TYR B 389 2.30 -29.48 10.00
N GLY B 390 3.34 -30.31 10.11
CA GLY B 390 4.68 -29.81 10.36
C GLY B 390 5.24 -29.14 9.13
N LYS B 391 4.97 -29.73 7.97
CA LYS B 391 5.36 -29.15 6.71
C LYS B 391 4.52 -27.90 6.39
N LEU B 392 3.23 -27.97 6.68
CA LEU B 392 2.33 -26.83 6.44
C LEU B 392 2.71 -25.62 7.27
N TYR B 393 3.10 -25.88 8.52
CA TYR B 393 3.58 -24.81 9.40
C TYR B 393 4.68 -23.99 8.73
N LYS B 394 5.62 -24.66 8.08
CA LYS B 394 6.72 -23.97 7.38
C LYS B 394 6.26 -22.96 6.33
N ILE B 395 5.07 -23.18 5.78
CA ILE B 395 4.55 -22.23 4.79
C ILE B 395 3.80 -21.13 5.52
N ALA B 396 3.04 -21.55 6.52
CA ALA B 396 2.25 -20.65 7.35
C ALA B 396 3.04 -19.56 8.10
N ASP B 397 4.24 -19.88 8.58
CA ASP B 397 4.95 -19.03 9.54
C ASP B 397 5.94 -18.08 8.89
N ASN B 398 6.00 -18.15 7.58
CA ASN B 398 6.78 -17.24 6.76
C ASN B 398 6.50 -15.77 7.03
N SER B 399 7.51 -15.02 7.49
CA SER B 399 7.31 -13.63 7.91
C SER B 399 6.99 -12.68 6.77
N ASN B 400 7.13 -13.09 5.52
CA ASN B 400 6.71 -12.23 4.43
C ASN B 400 5.32 -12.56 3.92
N ASN B 401 4.61 -13.46 4.60
CA ASN B 401 3.24 -13.77 4.22
C ASN B 401 2.39 -12.51 4.37
N LYS B 402 1.41 -12.35 3.48
CA LYS B 402 0.49 -11.21 3.54
C LYS B 402 -0.94 -11.70 3.46
N LEU B 403 -1.83 -11.06 4.23
CA LEU B 403 -3.24 -11.39 4.18
C LEU B 403 -3.92 -10.73 2.97
N PHE B 404 -4.86 -11.46 2.35
CA PHE B 404 -5.52 -10.98 1.15
C PHE B 404 -6.59 -9.93 1.51
N ARG B 405 -6.27 -8.65 1.31
CA ARG B 405 -7.19 -7.55 1.57
C ARG B 405 -7.64 -6.88 0.28
N THR B 406 -8.87 -6.37 0.24
CA THR B 406 -9.34 -5.56 -0.89
C THR B 406 -10.14 -4.36 -0.39
N GLY B 407 -10.19 -3.31 -1.20
CA GLY B 407 -10.86 -2.08 -0.81
C GLY B 407 -12.38 -2.19 -0.63
N PRO B 408 -13.00 -1.14 -0.09
CA PRO B 408 -14.43 -1.16 0.27
C PRO B 408 -15.38 -1.42 -0.91
N GLU B 409 -15.00 -1.13 -2.14
CA GLU B 409 -15.97 -1.30 -3.24
C GLU B 409 -15.79 -2.63 -3.98
N ILE B 410 -15.31 -3.63 -3.24
CA ILE B 410 -14.99 -4.94 -3.80
C ILE B 410 -16.18 -5.64 -4.46
N ARG B 411 -17.37 -5.53 -3.89
CA ARG B 411 -18.52 -6.26 -4.44
C ARG B 411 -18.83 -5.82 -5.89
N GLU B 412 -18.80 -4.52 -6.12
CA GLU B 412 -19.08 -3.97 -7.45
C GLU B 412 -17.92 -4.25 -8.40
N TRP B 413 -16.71 -4.13 -7.88
CA TRP B 413 -15.55 -4.46 -8.70
C TRP B 413 -15.62 -5.93 -9.14
N LEU B 414 -15.93 -6.85 -8.23
CA LEU B 414 -15.99 -8.27 -8.59
C LEU B 414 -17.01 -8.57 -9.69
N LYS B 415 -18.19 -7.95 -9.56
CA LYS B 415 -19.24 -8.13 -10.55
C LYS B 415 -18.72 -7.75 -11.94
N GLN B 416 -17.99 -6.65 -12.02
CA GLN B 416 -17.44 -6.23 -13.31
C GLN B 416 -16.24 -7.07 -13.72
N ALA B 417 -15.39 -7.40 -12.76
CA ALA B 417 -14.15 -8.12 -13.02
C ALA B 417 -14.43 -9.56 -13.45
N LYS B 418 -15.44 -10.18 -12.85
CA LYS B 418 -15.83 -11.54 -13.25
C LYS B 418 -16.05 -11.62 -14.76
N LYS B 419 -16.89 -10.73 -15.27
CA LYS B 419 -17.19 -10.71 -16.70
C LYS B 419 -15.96 -10.43 -17.57
N ILE B 420 -15.17 -9.43 -17.18
CA ILE B 420 -14.09 -8.97 -18.03
C ILE B 420 -12.91 -9.95 -18.06
N ILE B 421 -12.51 -10.46 -16.90
CA ILE B 421 -11.43 -11.47 -16.90
C ILE B 421 -11.89 -12.75 -17.61
N THR B 422 -13.11 -13.19 -17.35
CA THR B 422 -13.62 -14.39 -18.01
C THR B 422 -13.58 -14.25 -19.53
N GLU B 423 -14.00 -13.09 -20.03
CA GLU B 423 -14.08 -12.87 -21.46
C GLU B 423 -12.70 -12.77 -22.12
N TYR B 424 -11.76 -12.18 -21.40
CA TYR B 424 -10.38 -12.06 -21.89
C TYR B 424 -9.77 -13.47 -22.07
N LEU B 425 -9.98 -14.33 -21.08
CA LEU B 425 -9.49 -15.71 -21.14
C LEU B 425 -10.24 -16.57 -22.16
N GLN B 426 -11.44 -16.17 -22.55
CA GLN B 426 -12.20 -16.92 -23.56
C GLN B 426 -11.71 -16.69 -24.99
N GLN B 427 -10.89 -15.65 -25.21
CA GLN B 427 -10.34 -15.36 -26.53
C GLN B 427 -9.44 -16.48 -27.05
CM2 VIB C . 9.30 22.61 -0.49
N4A VIB C . 10.54 18.05 0.61
CM4 VIB C . 13.31 15.16 -2.33
O1 VIB C . 18.00 17.59 -1.68
C7 VIB C . 17.70 16.23 -1.32
C6 VIB C . 16.40 15.81 -2.03
C2 VIB C . 13.62 18.88 -1.76
S1 VIB C . 15.31 18.60 -1.67
C5 VIB C . 15.24 16.87 -1.95
C4 VIB C . 13.82 16.59 -2.09
N3 VIB C . 12.97 17.67 -1.98
C7A VIB C . 11.55 17.53 -2.11
C4A VIB C . 10.46 19.10 -0.38
N3A VIB C . 9.96 20.29 -0.05
C2A VIB C . 9.88 21.28 -0.95
N1A VIB C . 10.31 21.13 -2.26
C6A VIB C . 10.82 20.00 -2.67
C5A VIB C . 10.93 18.88 -1.72
C1 CIT D . 23.74 15.48 -2.56
O1 CIT D . 24.61 15.69 -3.44
O2 CIT D . 23.95 14.64 -1.65
C2 CIT D . 22.43 16.24 -2.62
C3 CIT D . 21.35 15.49 -3.37
O7 CIT D . 20.44 14.93 -2.45
C4 CIT D . 20.63 16.45 -4.31
C5 CIT D . 19.25 15.99 -4.73
O3 CIT D . 19.05 14.78 -5.05
O4 CIT D . 18.29 16.81 -4.78
C6 CIT D . 21.99 14.38 -4.17
O5 CIT D . 22.64 14.69 -5.22
O6 CIT D . 21.88 13.19 -3.78
MG MG E . 2.32 10.99 -9.87
MG MG F . 25.33 15.79 3.55
CM2 VIB G . -10.36 -22.00 3.77
N4A VIB G . -11.43 -17.58 1.94
CM4 VIB G . -12.02 -16.56 -2.79
O1 VIB G . -16.78 -18.94 -3.72
C7 VIB G . -16.42 -17.57 -3.53
C6 VIB G . -14.91 -17.41 -3.73
C2 VIB G . -12.93 -19.75 -0.94
S1 VIB G . -14.40 -19.66 -1.80
C5 VIB G . -14.04 -18.20 -2.67
C4 VIB G . -12.71 -17.82 -2.24
N3 VIB G . -12.14 -18.68 -1.32
C7A VIB G . -10.84 -18.44 -0.77
C4A VIB G . -11.00 -18.96 1.74
N3A VIB G . -10.89 -19.81 2.76
C2A VIB G . -10.47 -21.08 2.57
N1A VIB G . -10.14 -21.58 1.32
C6A VIB G . -10.23 -20.80 0.27
C5A VIB G . -10.68 -19.41 0.42
C1 CIT H . -20.92 -17.66 -8.08
O1 CIT H . -21.18 -17.94 -9.27
O2 CIT H . -21.54 -16.71 -7.51
C2 CIT H . -19.90 -18.46 -7.32
C3 CIT H . -18.49 -17.89 -7.47
O7 CIT H . -18.31 -16.81 -6.58
C4 CIT H . -17.53 -19.04 -7.18
C5 CIT H . -16.06 -18.71 -7.35
O3 CIT H . -15.68 -17.73 -8.05
O4 CIT H . -15.21 -19.44 -6.80
C6 CIT H . -18.30 -17.40 -8.88
O5 CIT H . -18.13 -16.16 -9.10
O6 CIT H . -18.28 -18.21 -9.83
MG MG I . 1.67 -14.25 -4.74
MG MG J . -25.49 -16.02 -3.48
#